data_6S9V
#
_entry.id   6S9V
#
_cell.length_a   79.332
_cell.length_b   83.690
_cell.length_c   147.401
_cell.angle_alpha   90.000
_cell.angle_beta   90.000
_cell.angle_gamma   90.000
#
_symmetry.space_group_name_H-M   'P 21 21 21'
#
loop_
_entity.id
_entity.type
_entity.pdbx_description
1 polymer 'Sucrose 6(F)-phosphate phosphorylase'
2 non-polymer 2-[BIS-(2-HYDROXY-ETHYL)-AMINO]-2-HYDROXYMETHYL-PROPANE-1,3-DIOL
3 non-polymer 'SULFATE ION'
4 non-polymer 'HEXAETHYLENE GLYCOL'
5 non-polymer GLYCEROL
6 water water
#
_entity_poly.entity_id   1
_entity_poly.type   'polypeptide(L)'
_entity_poly.pdbx_seq_one_letter_code
;MGGSHHHHHHGMASMALKNKVQLITYPDSLGGNLKTLNDVLEKYFSDVFGGVHILPPFPSSGDRGFAPITYSEIEPKFGT
WYDIKKMAENFDILLDLMVNHVSRRSIYFQDFLKKGRKSEYADMFITLDKLWKDGKPVKGDIEKMFLRRTLPYSTFKIEE
TGEEEKVWTTFGKTDPSEQIDLDVNSHLVREFLLEVFKTFSNFGVKIVRLDAVGYVIKKIGTSCFFVEPEIYEFLDWAKG
QAASYGIELLLEVHSQFEVQYKLAERGFLIYDFILPFTVLYTLINKSNEMLYHYLKNRPINQFTMLDCHDGIPVKPDLDG
LIDTKKAKEVVDICVQRGANLSLIYGDKYKSEDGFDVHQINCTYYSALNCDDDAYLAARAIQFFTPGIPQVYYVGLLAGV
NDFEAVKKTKEGREINRHNYGLKEIEESVQKNVVQRLLKLIRFRNEYEAFNGEFFIEDCRKDEIRLTWKKDDKRCSLFID
LKTYKTTIDYINENGEEVKYLV
;
_entity_poly.pdbx_strand_id   A,B
#
loop_
_chem_comp.id
_chem_comp.type
_chem_comp.name
_chem_comp.formula
BTB non-polymer 2-[BIS-(2-HYDROXY-ETHYL)-AMINO]-2-HYDROXYMETHYL-PROPANE-1,3-DIOL 'C8 H19 N O5'
GOL non-polymer GLYCEROL 'C3 H8 O3'
P6G non-polymer 'HEXAETHYLENE GLYCOL' 'C12 H26 O7'
SO4 non-polymer 'SULFATE ION' 'O4 S -2'
#
# COMPACT_ATOMS: atom_id res chain seq x y z
N HIS A 7 -18.86 -9.87 39.50
CA HIS A 7 -18.03 -10.17 40.66
C HIS A 7 -16.70 -10.83 40.27
N HIS A 8 -15.91 -11.19 41.27
CA HIS A 8 -14.53 -11.62 41.04
C HIS A 8 -14.46 -12.76 40.04
N HIS A 9 -13.63 -12.57 39.00
CA HIS A 9 -13.35 -13.59 37.98
C HIS A 9 -14.62 -14.11 37.32
N HIS A 10 -15.57 -13.21 37.09
CA HIS A 10 -16.86 -13.61 36.53
C HIS A 10 -16.69 -14.40 35.23
N GLY A 11 -17.34 -15.56 35.16
CA GLY A 11 -17.38 -16.37 33.96
C GLY A 11 -16.15 -17.22 33.72
N MET A 12 -15.17 -17.19 34.62
CA MET A 12 -13.90 -17.85 34.36
C MET A 12 -13.92 -19.32 34.76
N ALA A 13 -14.98 -19.78 35.42
CA ALA A 13 -15.04 -21.18 35.80
C ALA A 13 -14.93 -22.07 34.56
N SER A 14 -15.39 -21.60 33.42
CA SER A 14 -15.37 -22.40 32.19
C SER A 14 -14.21 -22.06 31.27
N MET A 15 -13.30 -21.17 31.69
CA MET A 15 -12.23 -20.74 30.81
C MET A 15 -11.05 -21.69 30.90
N ALA A 16 -10.70 -22.31 29.78
CA ALA A 16 -9.58 -23.25 29.71
C ALA A 16 -8.90 -23.08 28.36
N LEU A 17 -7.94 -22.16 28.30
CA LEU A 17 -7.27 -21.87 27.05
C LEU A 17 -6.09 -22.82 26.87
N LYS A 18 -5.78 -23.13 25.62
CA LYS A 18 -4.64 -23.97 25.32
C LYS A 18 -3.37 -23.26 25.77
N ASN A 19 -2.56 -23.95 26.55
CA ASN A 19 -1.35 -23.35 27.14
C ASN A 19 -0.12 -23.64 26.27
N LYS A 20 -0.17 -23.17 25.04
CA LYS A 20 0.94 -23.36 24.10
C LYS A 20 1.34 -22.01 23.51
N VAL A 21 2.60 -21.95 23.06
CA VAL A 21 3.10 -20.72 22.49
C VAL A 21 2.33 -20.36 21.23
N GLN A 22 2.05 -19.08 21.06
CA GLN A 22 1.33 -18.58 19.90
C GLN A 22 2.21 -17.64 19.09
N LEU A 23 1.93 -17.56 17.80
CA LEU A 23 2.62 -16.66 16.88
C LEU A 23 1.78 -15.41 16.66
N ILE A 24 2.43 -14.25 16.60
CA ILE A 24 1.82 -13.02 16.12
C ILE A 24 2.46 -12.67 14.78
N THR A 25 1.65 -12.48 13.75
CA THR A 25 2.19 -12.16 12.44
C THR A 25 1.20 -11.32 11.65
N TYR A 26 1.72 -10.48 10.76
CA TYR A 26 0.86 -9.88 9.76
C TYR A 26 0.49 -10.94 8.74
N PRO A 27 -0.64 -10.75 8.06
CA PRO A 27 -1.05 -11.73 7.05
C PRO A 27 -0.08 -11.85 5.90
N ASP A 28 0.74 -10.82 5.67
CA ASP A 28 1.64 -10.80 4.52
C ASP A 28 3.11 -10.79 4.89
N SER A 29 3.45 -10.81 6.19
CA SER A 29 4.83 -10.62 6.60
C SER A 29 5.66 -11.90 6.63
N LEU A 30 5.05 -13.06 6.42
CA LEU A 30 5.78 -14.33 6.28
C LEU A 30 5.47 -14.90 4.89
N GLY A 31 6.13 -14.35 3.86
CA GLY A 31 6.02 -14.87 2.52
C GLY A 31 5.09 -14.11 1.59
N GLY A 32 4.24 -13.23 2.12
CA GLY A 32 3.45 -12.33 1.31
C GLY A 32 1.95 -12.48 1.42
N ASN A 33 1.45 -13.63 1.87
CA ASN A 33 0.01 -13.83 1.94
C ASN A 33 -0.29 -15.01 2.88
N LEU A 34 -1.58 -15.29 3.06
CA LEU A 34 -2.00 -16.33 3.99
C LEU A 34 -1.62 -17.71 3.51
N LYS A 35 -1.53 -17.91 2.19
CA LYS A 35 -1.16 -19.22 1.67
C LYS A 35 0.31 -19.52 1.95
N THR A 36 1.19 -18.53 1.74
CA THR A 36 2.58 -18.72 2.12
C THR A 36 2.75 -18.82 3.63
N LEU A 37 1.94 -18.08 4.40
CA LEU A 37 1.96 -18.23 5.86
C LEU A 37 1.63 -19.67 6.25
N ASN A 38 0.55 -20.22 5.67
CA ASN A 38 0.20 -21.62 5.95
C ASN A 38 1.31 -22.56 5.52
N ASP A 39 1.93 -22.31 4.36
CA ASP A 39 3.04 -23.15 3.91
C ASP A 39 4.21 -23.08 4.87
N VAL A 40 4.55 -21.88 5.35
CA VAL A 40 5.66 -21.71 6.28
C VAL A 40 5.36 -22.38 7.61
N LEU A 41 4.13 -22.23 8.10
CA LEU A 41 3.75 -22.92 9.33
C LEU A 41 3.88 -24.44 9.18
N GLU A 42 3.44 -24.98 8.04
CA GLU A 42 3.54 -26.41 7.82
C GLU A 42 4.98 -26.85 7.67
N LYS A 43 5.82 -26.03 7.04
CA LYS A 43 7.19 -26.47 6.78
C LYS A 43 8.02 -26.49 8.05
N TYR A 44 7.87 -25.46 8.91
CA TYR A 44 8.78 -25.27 10.03
C TYR A 44 8.15 -25.29 11.42
N PHE A 45 6.84 -25.05 11.56
CA PHE A 45 6.33 -24.64 12.86
C PHE A 45 5.09 -25.38 13.32
N SER A 46 4.81 -26.56 12.77
CA SER A 46 3.55 -27.23 13.05
C SER A 46 3.35 -27.46 14.55
N ASP A 47 4.40 -27.90 15.27
CA ASP A 47 4.28 -28.11 16.70
C ASP A 47 5.00 -27.01 17.48
N VAL A 48 5.35 -25.92 16.81
CA VAL A 48 5.97 -24.78 17.45
C VAL A 48 4.90 -23.84 17.98
N PHE A 49 3.75 -23.77 17.32
CA PHE A 49 2.68 -22.86 17.73
C PHE A 49 1.38 -23.63 17.93
N GLY A 50 0.66 -23.28 18.98
CA GLY A 50 -0.68 -23.79 19.20
C GLY A 50 -1.75 -22.84 18.71
N GLY A 51 -1.34 -21.60 18.41
CA GLY A 51 -2.27 -20.59 17.93
C GLY A 51 -1.53 -19.51 17.17
N VAL A 52 -2.29 -18.73 16.40
CA VAL A 52 -1.74 -17.65 15.59
C VAL A 52 -2.66 -16.45 15.70
N HIS A 53 -2.11 -15.30 16.12
CA HIS A 53 -2.77 -14.02 15.98
C HIS A 53 -2.38 -13.47 14.61
N ILE A 54 -3.34 -13.45 13.69
CA ILE A 54 -3.18 -12.83 12.39
C ILE A 54 -3.61 -11.38 12.53
N LEU A 55 -2.66 -10.45 12.38
CA LEU A 55 -2.99 -9.04 12.46
C LEU A 55 -3.96 -8.70 11.33
N PRO A 56 -4.71 -7.61 11.45
CA PRO A 56 -5.95 -7.43 10.66
C PRO A 56 -5.77 -7.76 9.19
N PRO A 57 -6.44 -8.81 8.71
CA PRO A 57 -6.35 -9.21 7.30
C PRO A 57 -7.51 -8.76 6.42
N PHE A 58 -8.36 -7.86 6.88
CA PHE A 58 -9.51 -7.40 6.11
C PHE A 58 -9.11 -6.24 5.21
N PRO A 59 -9.85 -6.01 4.13
CA PRO A 59 -9.58 -4.82 3.30
C PRO A 59 -9.57 -3.58 4.17
N SER A 60 -8.54 -2.75 4.01
CA SER A 60 -8.31 -1.64 4.92
C SER A 60 -7.77 -0.45 4.14
N SER A 61 -8.13 0.74 4.59
CA SER A 61 -7.72 1.97 3.89
C SER A 61 -6.58 2.71 4.57
N GLY A 62 -5.92 2.11 5.56
CA GLY A 62 -4.78 2.74 6.20
C GLY A 62 -4.40 2.01 7.47
N ASP A 63 -3.27 2.46 8.05
CA ASP A 63 -2.82 1.98 9.36
C ASP A 63 -2.57 0.48 9.35
N ARG A 64 -2.02 0.00 8.24
CA ARG A 64 -1.71 -1.40 7.99
C ARG A 64 -2.73 -2.34 8.63
N GLY A 65 -3.98 -2.23 8.16
CA GLY A 65 -5.03 -3.15 8.53
C GLY A 65 -6.03 -2.60 9.53
N PHE A 66 -5.67 -1.58 10.30
CA PHE A 66 -6.52 -1.14 11.40
C PHE A 66 -7.52 -0.06 10.98
N ALA A 67 -7.77 0.10 9.67
CA ALA A 67 -8.88 0.89 9.14
C ALA A 67 -9.74 -0.01 8.27
N PRO A 68 -10.42 -0.98 8.87
CA PRO A 68 -11.12 -2.00 8.08
C PRO A 68 -12.32 -1.46 7.33
N ILE A 69 -12.43 -1.87 6.07
CA ILE A 69 -13.55 -1.48 5.21
C ILE A 69 -14.73 -2.41 5.41
N THR A 70 -14.46 -3.70 5.59
CA THR A 70 -15.49 -4.71 5.78
C THR A 70 -14.81 -5.91 6.43
N TYR A 71 -15.59 -6.67 7.20
CA TYR A 71 -15.14 -7.95 7.74
C TYR A 71 -15.70 -9.14 6.98
N SER A 72 -16.53 -8.91 5.97
CA SER A 72 -17.18 -10.01 5.28
C SER A 72 -16.28 -10.69 4.27
N GLU A 73 -15.07 -10.17 4.06
CA GLU A 73 -14.09 -10.84 3.22
C GLU A 73 -12.70 -10.55 3.75
N ILE A 74 -11.79 -11.45 3.42
CA ILE A 74 -10.37 -11.22 3.65
C ILE A 74 -9.84 -10.39 2.49
N GLU A 75 -8.90 -9.50 2.78
CA GLU A 75 -8.23 -8.72 1.75
C GLU A 75 -7.70 -9.66 0.66
N PRO A 76 -8.16 -9.54 -0.60
CA PRO A 76 -7.79 -10.55 -1.61
C PRO A 76 -6.30 -10.64 -1.88
N LYS A 77 -5.52 -9.57 -1.65
CA LYS A 77 -4.06 -9.70 -1.73
C LYS A 77 -3.54 -10.76 -0.77
N PHE A 78 -4.24 -10.98 0.34
CA PHE A 78 -3.78 -11.90 1.36
C PHE A 78 -4.41 -13.28 1.24
N GLY A 79 -5.65 -13.38 0.79
CA GLY A 79 -6.28 -14.67 0.62
C GLY A 79 -7.79 -14.55 0.82
N THR A 80 -8.37 -15.60 1.41
CA THR A 80 -9.81 -15.70 1.59
C THR A 80 -10.11 -16.18 2.99
N TRP A 81 -11.37 -16.05 3.39
CA TRP A 81 -11.81 -16.56 4.67
C TRP A 81 -11.56 -18.05 4.80
N TYR A 82 -11.54 -18.79 3.68
CA TYR A 82 -11.27 -20.22 3.75
C TYR A 82 -9.81 -20.52 4.08
N ASP A 83 -8.89 -19.61 3.74
CA ASP A 83 -7.51 -19.75 4.22
C ASP A 83 -7.46 -19.69 5.75
N ILE A 84 -8.27 -18.82 6.35
CA ILE A 84 -8.34 -18.73 7.81
C ILE A 84 -8.96 -20.00 8.39
N LYS A 85 -10.06 -20.45 7.79
CA LYS A 85 -10.72 -21.66 8.25
C LYS A 85 -9.77 -22.85 8.24
N LYS A 86 -8.96 -22.97 7.17
CA LYS A 86 -8.02 -24.07 7.09
C LYS A 86 -6.97 -23.97 8.17
N MET A 87 -6.46 -22.76 8.43
CA MET A 87 -5.50 -22.57 9.50
C MET A 87 -6.12 -22.91 10.85
N ALA A 88 -7.39 -22.55 11.05
CA ALA A 88 -8.06 -22.84 12.30
C ALA A 88 -8.22 -24.34 12.55
N GLU A 89 -8.07 -25.16 11.51
CA GLU A 89 -8.08 -26.60 11.73
C GLU A 89 -6.83 -27.08 12.45
N ASN A 90 -5.75 -26.31 12.40
CA ASN A 90 -4.49 -26.70 12.99
C ASN A 90 -4.01 -25.79 14.12
N PHE A 91 -4.52 -24.57 14.20
CA PHE A 91 -4.09 -23.58 15.19
C PHE A 91 -5.31 -22.85 15.73
N ASP A 92 -5.23 -22.43 17.00
CA ASP A 92 -6.20 -21.46 17.53
C ASP A 92 -5.98 -20.13 16.83
N ILE A 93 -7.03 -19.57 16.22
CA ILE A 93 -6.91 -18.32 15.49
C ILE A 93 -7.41 -17.17 16.37
N LEU A 94 -6.58 -16.13 16.47
CA LEU A 94 -6.94 -14.88 17.15
C LEU A 94 -6.99 -13.78 16.11
N LEU A 95 -8.13 -13.09 16.01
CA LEU A 95 -8.29 -11.97 15.10
C LEU A 95 -8.71 -10.71 15.85
N ASP A 96 -8.49 -9.56 15.20
CA ASP A 96 -8.84 -8.27 15.76
C ASP A 96 -10.25 -7.85 15.39
N LEU A 97 -10.96 -7.27 16.36
CA LEU A 97 -12.18 -6.53 16.13
C LEU A 97 -11.91 -5.07 16.47
N MET A 98 -12.06 -4.19 15.49
CA MET A 98 -11.81 -2.77 15.72
C MET A 98 -13.09 -2.16 16.28
N VAL A 99 -13.29 -2.38 17.58
CA VAL A 99 -14.52 -1.90 18.21
C VAL A 99 -14.61 -0.38 18.21
N ASN A 100 -13.50 0.33 18.03
CA ASN A 100 -13.52 1.77 18.15
C ASN A 100 -13.78 2.50 16.84
N HIS A 101 -13.44 1.92 15.70
CA HIS A 101 -13.48 2.68 14.45
C HIS A 101 -13.55 1.76 13.24
N VAL A 102 -14.00 2.35 12.13
CA VAL A 102 -14.15 1.67 10.84
C VAL A 102 -13.63 2.61 9.75
N SER A 103 -13.25 2.03 8.62
CA SER A 103 -12.74 2.83 7.51
C SER A 103 -13.78 3.84 7.04
N ARG A 104 -13.32 5.05 6.69
CA ARG A 104 -14.19 5.99 6.02
C ARG A 104 -14.63 5.47 4.66
N ARG A 105 -13.93 4.46 4.11
CA ARG A 105 -14.28 3.92 2.82
C ARG A 105 -15.26 2.75 2.93
N SER A 106 -15.72 2.42 4.14
CA SER A 106 -16.77 1.43 4.28
C SER A 106 -18.08 1.96 3.68
N ILE A 107 -18.95 1.03 3.28
CA ILE A 107 -20.23 1.43 2.72
C ILE A 107 -21.00 2.28 3.72
N TYR A 108 -20.85 1.96 5.02
CA TYR A 108 -21.60 2.68 6.04
C TYR A 108 -21.26 4.16 6.03
N PHE A 109 -19.97 4.48 6.02
CA PHE A 109 -19.57 5.88 6.06
C PHE A 109 -19.70 6.56 4.71
N GLN A 110 -19.43 5.85 3.60
CA GLN A 110 -19.61 6.48 2.30
C GLN A 110 -21.07 6.82 2.03
N ASP A 111 -21.99 5.97 2.49
CA ASP A 111 -23.41 6.29 2.37
C ASP A 111 -23.74 7.53 3.17
N PHE A 112 -23.18 7.64 4.37
CA PHE A 112 -23.38 8.82 5.20
C PHE A 112 -22.84 10.08 4.54
N LEU A 113 -21.64 10.00 3.95
CA LEU A 113 -21.10 11.18 3.30
C LEU A 113 -21.94 11.59 2.09
N LYS A 114 -22.61 10.62 1.47
CA LYS A 114 -23.48 10.94 0.33
C LYS A 114 -24.76 11.60 0.81
N LYS A 115 -25.42 11.02 1.80
CA LYS A 115 -26.77 11.42 2.18
C LYS A 115 -26.86 12.18 3.49
N GLY A 116 -25.78 12.29 4.25
CA GLY A 116 -25.85 13.01 5.51
C GLY A 116 -26.78 12.32 6.48
N ARG A 117 -27.65 13.11 7.14
CA ARG A 117 -28.50 12.56 8.18
C ARG A 117 -29.62 11.67 7.63
N LYS A 118 -29.95 11.75 6.35
CA LYS A 118 -30.92 10.83 5.79
C LYS A 118 -30.32 9.46 5.49
N SER A 119 -29.02 9.28 5.71
CA SER A 119 -28.44 7.94 5.61
C SER A 119 -28.94 7.08 6.75
N GLU A 120 -29.29 5.83 6.43
CA GLU A 120 -29.69 4.89 7.46
C GLU A 120 -28.55 4.57 8.42
N TYR A 121 -27.30 4.86 8.05
CA TYR A 121 -26.15 4.56 8.87
C TYR A 121 -25.63 5.76 9.65
N ALA A 122 -26.29 6.92 9.57
CA ALA A 122 -25.77 8.13 10.21
C ALA A 122 -25.49 7.91 11.69
N ASP A 123 -26.36 7.17 12.37
CA ASP A 123 -26.25 6.97 13.82
C ASP A 123 -25.09 6.06 14.21
N MET A 124 -24.42 5.41 13.26
CA MET A 124 -23.27 4.59 13.60
C MET A 124 -22.06 5.42 13.98
N PHE A 125 -22.05 6.71 13.66
CA PHE A 125 -20.88 7.56 13.80
C PHE A 125 -21.13 8.65 14.83
N ILE A 126 -20.04 9.16 15.40
CA ILE A 126 -20.13 10.16 16.47
C ILE A 126 -20.05 11.52 15.79
N THR A 127 -21.18 11.92 15.21
CA THR A 127 -21.33 13.31 14.81
C THR A 127 -21.26 14.18 16.07
N LEU A 128 -20.63 15.35 15.95
CA LEU A 128 -20.30 16.11 17.15
C LEU A 128 -21.54 16.60 17.90
N ASP A 129 -22.71 16.63 17.24
CA ASP A 129 -23.93 17.01 17.95
C ASP A 129 -24.28 16.02 19.06
N LYS A 130 -23.71 14.82 19.05
CA LYS A 130 -23.89 13.87 20.14
C LYS A 130 -23.09 14.23 21.38
N LEU A 131 -22.12 15.13 21.26
CA LEU A 131 -21.28 15.55 22.39
C LEU A 131 -21.55 16.99 22.82
N TRP A 132 -21.94 17.86 21.89
CA TRP A 132 -22.19 19.26 22.16
C TRP A 132 -23.52 19.61 21.53
N LYS A 133 -24.33 20.44 22.22
CA LYS A 133 -25.66 20.75 21.75
C LYS A 133 -25.68 21.19 20.28
N ASP A 134 -24.76 22.07 19.91
CA ASP A 134 -24.73 22.64 18.57
C ASP A 134 -23.67 22.02 17.66
N GLY A 135 -23.08 20.90 18.06
CA GLY A 135 -22.07 20.27 17.24
C GLY A 135 -20.79 21.08 17.08
N LYS A 136 -20.58 22.07 17.93
CA LYS A 136 -19.40 22.92 17.85
C LYS A 136 -18.39 22.45 18.89
N PRO A 137 -17.16 22.12 18.51
CA PRO A 137 -16.18 21.67 19.50
C PRO A 137 -15.80 22.80 20.45
N VAL A 138 -15.48 22.42 21.69
CA VAL A 138 -15.12 23.36 22.74
C VAL A 138 -13.68 23.07 23.13
N LYS A 139 -12.81 24.08 22.99
CA LYS A 139 -11.39 23.85 23.21
C LYS A 139 -11.13 23.36 24.62
N GLY A 140 -11.77 23.99 25.62
CA GLY A 140 -11.55 23.58 27.00
C GLY A 140 -11.91 22.14 27.25
N ASP A 141 -12.93 21.63 26.57
CA ASP A 141 -13.29 20.22 26.71
C ASP A 141 -12.28 19.32 26.01
N ILE A 142 -11.82 19.72 24.82
CA ILE A 142 -10.81 18.93 24.10
C ILE A 142 -9.54 18.84 24.93
N GLU A 143 -9.18 19.93 25.61
CA GLU A 143 -7.95 19.97 26.39
C GLU A 143 -7.95 18.96 27.53
N LYS A 144 -9.11 18.50 27.96
CA LYS A 144 -9.19 17.47 29.00
C LYS A 144 -9.02 16.06 28.46
N MET A 145 -8.98 15.90 27.15
CA MET A 145 -9.02 14.57 26.56
C MET A 145 -7.62 14.01 26.34
N PHE A 146 -7.53 12.69 26.38
CA PHE A 146 -6.30 11.97 26.02
C PHE A 146 -6.27 11.86 24.49
N LEU A 147 -5.57 12.79 23.87
CA LEU A 147 -5.57 12.91 22.43
C LEU A 147 -4.51 12.01 21.82
N ARG A 148 -4.85 11.37 20.71
CA ARG A 148 -3.92 10.54 19.96
C ARG A 148 -3.62 11.13 18.59
N ARG A 149 -4.16 12.31 18.31
CA ARG A 149 -3.81 13.11 17.14
C ARG A 149 -4.17 14.55 17.50
N THR A 150 -3.77 15.49 16.64
CA THR A 150 -3.89 16.90 17.00
C THR A 150 -5.31 17.27 17.40
N LEU A 151 -6.29 16.84 16.62
CA LEU A 151 -7.69 17.04 16.95
C LEU A 151 -8.41 15.70 16.88
N PRO A 152 -9.31 15.39 17.83
CA PRO A 152 -9.95 14.08 17.84
C PRO A 152 -11.16 13.99 16.92
N TYR A 153 -11.19 14.80 15.87
CA TYR A 153 -12.28 14.77 14.92
C TYR A 153 -11.77 15.21 13.55
N SER A 154 -12.59 14.94 12.53
CA SER A 154 -12.27 15.25 11.14
C SER A 154 -13.50 15.83 10.47
N THR A 155 -13.27 16.65 9.46
CA THR A 155 -14.32 17.35 8.73
C THR A 155 -14.52 16.73 7.36
N PHE A 156 -15.77 16.48 7.00
CA PHE A 156 -16.11 15.90 5.72
C PHE A 156 -17.22 16.71 5.06
N LYS A 157 -17.30 16.61 3.74
CA LYS A 157 -18.31 17.31 2.96
C LYS A 157 -19.45 16.33 2.66
N ILE A 158 -20.67 16.71 3.03
CA ILE A 158 -21.83 15.90 2.70
C ILE A 158 -22.22 16.22 1.26
N GLU A 159 -22.28 15.19 0.42
CA GLU A 159 -22.42 15.42 -1.01
C GLU A 159 -23.77 16.06 -1.33
N GLU A 160 -24.86 15.50 -0.79
CA GLU A 160 -26.18 15.93 -1.21
C GLU A 160 -26.53 17.32 -0.67
N THR A 161 -25.91 17.76 0.44
CA THR A 161 -26.21 19.06 1.01
C THR A 161 -25.09 20.08 0.82
N GLY A 162 -23.88 19.65 0.49
CA GLY A 162 -22.76 20.54 0.42
C GLY A 162 -22.28 21.07 1.76
N GLU A 163 -22.89 20.62 2.85
CA GLU A 163 -22.55 21.10 4.18
C GLU A 163 -21.31 20.38 4.70
N GLU A 164 -20.56 21.08 5.56
CA GLU A 164 -19.43 20.47 6.24
C GLU A 164 -19.93 19.82 7.52
N GLU A 165 -19.43 18.62 7.80
CA GLU A 165 -19.82 17.87 8.97
C GLU A 165 -18.57 17.30 9.64
N LYS A 166 -18.50 17.47 10.96
CA LYS A 166 -17.42 16.91 11.76
C LYS A 166 -17.90 15.63 12.42
N VAL A 167 -17.04 14.60 12.40
CA VAL A 167 -17.29 13.36 13.11
C VAL A 167 -16.03 13.01 13.90
N TRP A 168 -16.23 12.27 14.98
CA TRP A 168 -15.12 11.93 15.86
C TRP A 168 -14.17 10.96 15.17
N THR A 169 -12.88 11.25 15.26
CA THR A 169 -11.84 10.37 14.72
C THR A 169 -10.69 10.42 15.72
N THR A 170 -10.63 9.42 16.61
CA THR A 170 -9.59 9.38 17.64
C THR A 170 -8.21 9.23 17.02
N PHE A 171 -8.08 8.41 15.99
CA PHE A 171 -6.82 8.09 15.35
C PHE A 171 -6.82 8.55 13.90
N GLY A 172 -5.63 8.69 13.34
CA GLY A 172 -5.50 8.96 11.93
C GLY A 172 -4.32 9.87 11.64
N LYS A 173 -3.38 9.37 10.85
CA LYS A 173 -2.21 10.15 10.48
C LYS A 173 -2.49 11.13 9.36
N THR A 174 -3.57 10.92 8.60
CA THR A 174 -4.02 11.87 7.60
C THR A 174 -5.14 12.72 8.17
N ASP A 175 -5.36 13.87 7.56
CA ASP A 175 -6.50 14.73 7.86
C ASP A 175 -7.21 15.03 6.54
N PRO A 176 -8.48 14.63 6.38
CA PRO A 176 -9.31 13.89 7.33
C PRO A 176 -8.77 12.49 7.55
N SER A 177 -9.13 11.89 8.69
CA SER A 177 -8.66 10.56 9.03
C SER A 177 -9.39 9.50 8.21
N GLU A 178 -8.71 8.38 7.99
CA GLU A 178 -9.31 7.19 7.41
C GLU A 178 -10.13 6.40 8.40
N GLN A 179 -9.98 6.69 9.69
CA GLN A 179 -10.55 5.88 10.76
C GLN A 179 -11.66 6.68 11.45
N ILE A 180 -12.91 6.29 11.19
CA ILE A 180 -14.07 6.96 11.74
C ILE A 180 -14.54 6.21 12.98
N ASP A 181 -14.67 6.91 14.10
CA ASP A 181 -15.08 6.26 15.34
C ASP A 181 -16.52 5.78 15.23
N LEU A 182 -16.77 4.58 15.77
CA LEU A 182 -18.10 4.02 15.88
C LEU A 182 -18.76 4.46 17.18
N ASP A 183 -20.07 4.68 17.13
CA ASP A 183 -20.85 4.99 18.33
C ASP A 183 -21.35 3.67 18.90
N VAL A 184 -20.68 3.17 19.95
CA VAL A 184 -21.05 1.88 20.51
C VAL A 184 -22.37 1.93 21.28
N ASN A 185 -22.92 3.11 21.53
CA ASN A 185 -24.27 3.23 22.06
C ASN A 185 -25.35 3.02 21.00
N SER A 186 -24.97 3.02 19.73
CA SER A 186 -25.94 2.87 18.64
C SER A 186 -26.32 1.41 18.47
N HIS A 187 -27.62 1.14 18.42
CA HIS A 187 -28.10 -0.21 18.12
C HIS A 187 -27.51 -0.73 16.81
N LEU A 188 -27.31 0.16 15.83
CA LEU A 188 -26.76 -0.25 14.56
C LEU A 188 -25.33 -0.76 14.69
N VAL A 189 -24.54 -0.11 15.55
CA VAL A 189 -23.16 -0.54 15.76
C VAL A 189 -23.13 -1.88 16.49
N ARG A 190 -24.01 -2.07 17.47
CA ARG A 190 -24.00 -3.35 18.18
C ARG A 190 -24.40 -4.49 17.24
N GLU A 191 -25.36 -4.23 16.34
CA GLU A 191 -25.70 -5.22 15.33
C GLU A 191 -24.52 -5.50 14.41
N PHE A 192 -23.80 -4.45 14.02
CA PHE A 192 -22.62 -4.59 13.18
C PHE A 192 -21.56 -5.45 13.86
N LEU A 193 -21.27 -5.17 15.13
CA LEU A 193 -20.26 -5.95 15.84
C LEU A 193 -20.71 -7.40 16.01
N LEU A 194 -22.00 -7.61 16.30
CA LEU A 194 -22.52 -8.97 16.40
C LEU A 194 -22.34 -9.74 15.10
N GLU A 195 -22.54 -9.07 13.96
CA GLU A 195 -22.37 -9.73 12.67
C GLU A 195 -20.91 -10.14 12.46
N VAL A 196 -19.97 -9.37 12.99
CA VAL A 196 -18.57 -9.74 12.86
C VAL A 196 -18.26 -10.98 13.71
N PHE A 197 -18.77 -11.01 14.95
CA PHE A 197 -18.63 -12.21 15.77
C PHE A 197 -19.16 -13.45 15.04
N LYS A 198 -20.33 -13.31 14.41
CA LYS A 198 -20.91 -14.43 13.68
C LYS A 198 -20.02 -14.86 12.52
N THR A 199 -19.50 -13.89 11.77
CA THR A 199 -18.59 -14.20 10.66
C THR A 199 -17.33 -14.89 11.17
N PHE A 200 -16.70 -14.31 12.20
CA PHE A 200 -15.51 -14.90 12.78
C PHE A 200 -15.77 -16.34 13.22
N SER A 201 -16.85 -16.54 13.97
CA SER A 201 -17.17 -17.87 14.48
C SER A 201 -17.40 -18.85 13.34
N ASN A 202 -18.01 -18.38 12.25
CA ASN A 202 -18.29 -19.24 11.11
C ASN A 202 -17.02 -19.84 10.52
N PHE A 203 -15.90 -19.14 10.63
CA PHE A 203 -14.64 -19.60 10.05
C PHE A 203 -13.64 -20.08 11.09
N GLY A 204 -14.10 -20.41 12.30
CA GLY A 204 -13.26 -21.10 13.26
C GLY A 204 -12.49 -20.23 14.23
N VAL A 205 -12.74 -18.92 14.24
CA VAL A 205 -11.98 -18.01 15.11
C VAL A 205 -12.48 -18.16 16.54
N LYS A 206 -11.53 -18.33 17.47
CA LYS A 206 -11.86 -18.64 18.85
C LYS A 206 -11.53 -17.53 19.84
N ILE A 207 -10.64 -16.61 19.49
CA ILE A 207 -10.25 -15.51 20.36
C ILE A 207 -10.29 -14.23 19.55
N VAL A 208 -10.83 -13.18 20.14
CA VAL A 208 -10.95 -11.89 19.45
C VAL A 208 -10.30 -10.82 20.31
N ARG A 209 -9.35 -10.10 19.72
CA ARG A 209 -8.69 -8.98 20.36
C ARG A 209 -9.51 -7.73 20.12
N LEU A 210 -9.86 -7.04 21.20
CA LEU A 210 -10.61 -5.78 21.12
C LEU A 210 -9.61 -4.63 21.00
N ASP A 211 -9.38 -4.18 19.78
CA ASP A 211 -8.41 -3.12 19.52
C ASP A 211 -8.91 -1.79 20.08
N ALA A 212 -8.04 -1.08 20.79
CA ALA A 212 -8.31 0.28 21.24
C ALA A 212 -9.61 0.37 22.03
N VAL A 213 -9.95 -0.71 22.76
CA VAL A 213 -11.23 -0.74 23.46
C VAL A 213 -11.33 0.38 24.47
N GLY A 214 -10.20 0.84 25.02
CA GLY A 214 -10.25 1.90 26.02
C GLY A 214 -10.84 3.19 25.51
N TYR A 215 -10.94 3.37 24.19
CA TYR A 215 -11.38 4.62 23.61
C TYR A 215 -12.86 4.68 23.27
N VAL A 216 -13.62 3.60 23.48
CA VAL A 216 -14.95 3.54 22.90
C VAL A 216 -15.94 4.48 23.58
N ILE A 217 -15.73 4.87 24.84
CA ILE A 217 -16.66 5.76 25.53
C ILE A 217 -16.13 7.18 25.46
N LYS A 218 -16.91 8.07 24.85
CA LYS A 218 -16.63 9.50 24.84
C LYS A 218 -17.58 10.17 25.81
N LYS A 219 -17.03 11.00 26.69
CA LYS A 219 -17.87 11.75 27.63
C LYS A 219 -17.21 13.11 27.87
N ILE A 220 -17.94 14.19 27.57
CA ILE A 220 -17.40 15.52 27.76
C ILE A 220 -17.08 15.72 29.24
N GLY A 221 -15.93 16.32 29.52
CA GLY A 221 -15.46 16.51 30.87
C GLY A 221 -14.52 15.43 31.37
N THR A 222 -14.38 14.33 30.64
CA THR A 222 -13.46 13.26 30.99
C THR A 222 -12.33 13.21 29.98
N SER A 223 -11.35 12.34 30.26
CA SER A 223 -10.26 12.10 29.31
C SER A 223 -10.73 11.37 28.07
N CYS A 224 -11.92 10.78 28.12
CA CYS A 224 -12.42 9.90 27.06
C CYS A 224 -11.51 8.68 26.88
N PHE A 225 -10.85 8.25 27.96
CA PHE A 225 -10.11 7.00 27.96
C PHE A 225 -10.52 6.17 29.17
N PHE A 226 -10.94 4.95 28.92
CA PHE A 226 -11.47 4.03 29.92
C PHE A 226 -12.42 4.74 30.88
N VAL A 227 -13.47 5.31 30.31
CA VAL A 227 -14.44 6.08 31.08
C VAL A 227 -15.34 5.09 31.82
N GLU A 228 -15.24 5.09 33.18
CA GLU A 228 -16.03 4.23 34.04
C GLU A 228 -17.23 4.98 34.61
N PRO A 229 -18.37 4.31 34.83
CA PRO A 229 -18.62 2.87 34.65
C PRO A 229 -19.08 2.47 33.26
N GLU A 230 -19.24 3.45 32.36
CA GLU A 230 -19.81 3.18 31.05
C GLU A 230 -19.00 2.13 30.29
N ILE A 231 -17.68 2.18 30.38
CA ILE A 231 -16.87 1.23 29.62
C ILE A 231 -17.22 -0.21 30.02
N TYR A 232 -17.54 -0.44 31.29
CA TYR A 232 -17.83 -1.80 31.74
C TYR A 232 -19.17 -2.31 31.22
N GLU A 233 -20.11 -1.40 30.97
CA GLU A 233 -21.38 -1.80 30.37
C GLU A 233 -21.17 -2.33 28.95
N PHE A 234 -20.28 -1.70 28.19
CA PHE A 234 -19.94 -2.20 26.87
C PHE A 234 -19.16 -3.52 26.96
N LEU A 235 -18.15 -3.57 27.83
CA LEU A 235 -17.36 -4.78 27.97
C LEU A 235 -18.24 -5.97 28.38
N ASP A 236 -19.14 -5.76 29.34
CA ASP A 236 -20.01 -6.85 29.77
C ASP A 236 -20.90 -7.30 28.62
N TRP A 237 -21.48 -6.34 27.89
CA TRP A 237 -22.30 -6.68 26.74
C TRP A 237 -21.50 -7.48 25.72
N ALA A 238 -20.31 -6.99 25.37
CA ALA A 238 -19.53 -7.62 24.32
C ALA A 238 -19.07 -9.01 24.74
N LYS A 239 -18.71 -9.19 26.01
CA LYS A 239 -18.24 -10.50 26.47
C LYS A 239 -19.33 -11.55 26.33
N GLY A 240 -20.56 -11.20 26.74
CA GLY A 240 -21.66 -12.16 26.69
C GLY A 240 -22.06 -12.52 25.26
N GLN A 241 -22.07 -11.54 24.37
CA GLN A 241 -22.38 -11.81 22.97
C GLN A 241 -21.31 -12.66 22.32
N ALA A 242 -20.04 -12.33 22.57
CA ALA A 242 -18.95 -13.14 22.01
C ALA A 242 -19.05 -14.58 22.49
N ALA A 243 -19.36 -14.78 23.78
CA ALA A 243 -19.48 -16.14 24.30
C ALA A 243 -20.59 -16.92 23.60
N SER A 244 -21.64 -16.23 23.13
CA SER A 244 -22.71 -16.90 22.41
C SER A 244 -22.21 -17.57 21.14
N TYR A 245 -21.13 -17.04 20.55
CA TYR A 245 -20.54 -17.61 19.35
C TYR A 245 -19.26 -18.40 19.64
N GLY A 246 -19.00 -18.75 20.90
CA GLY A 246 -17.83 -19.52 21.23
C GLY A 246 -16.53 -18.75 21.25
N ILE A 247 -16.57 -17.44 21.44
CA ILE A 247 -15.39 -16.58 21.32
C ILE A 247 -15.04 -16.02 22.70
N GLU A 248 -13.75 -16.06 23.04
CA GLU A 248 -13.22 -15.37 24.22
C GLU A 248 -12.63 -14.03 23.76
N LEU A 249 -12.78 -13.00 24.60
CA LEU A 249 -12.28 -11.67 24.28
C LEU A 249 -10.95 -11.42 24.96
N LEU A 250 -10.02 -10.81 24.23
CA LEU A 250 -8.73 -10.37 24.75
C LEU A 250 -8.69 -8.85 24.60
N LEU A 251 -8.69 -8.14 25.72
CA LEU A 251 -8.75 -6.68 25.71
C LEU A 251 -7.35 -6.09 25.63
N GLU A 252 -7.17 -5.13 24.72
CA GLU A 252 -5.92 -4.39 24.59
C GLU A 252 -6.10 -3.03 25.22
N VAL A 253 -5.47 -2.81 26.38
CA VAL A 253 -5.59 -1.57 27.13
C VAL A 253 -4.18 -1.19 27.59
N HIS A 254 -3.66 -0.08 27.07
CA HIS A 254 -2.44 0.53 27.58
C HIS A 254 -2.87 1.55 28.63
N SER A 255 -2.62 1.24 29.90
CA SER A 255 -3.05 2.11 30.98
CA SER A 255 -3.06 2.11 30.99
C SER A 255 -2.21 1.82 32.22
N GLN A 256 -2.46 2.57 33.28
CA GLN A 256 -1.84 2.29 34.56
C GLN A 256 -2.28 0.90 35.01
N PHE A 257 -1.42 0.26 35.84
CA PHE A 257 -1.62 -1.15 36.12
C PHE A 257 -2.93 -1.41 36.87
N GLU A 258 -3.42 -0.43 37.63
CA GLU A 258 -4.67 -0.62 38.36
C GLU A 258 -5.84 -0.90 37.43
N VAL A 259 -5.84 -0.29 36.24
CA VAL A 259 -6.91 -0.52 35.28
C VAL A 259 -6.84 -1.95 34.74
N GLN A 260 -5.65 -2.36 34.31
CA GLN A 260 -5.44 -3.74 33.84
C GLN A 260 -5.79 -4.75 34.91
N TYR A 261 -5.33 -4.53 36.14
CA TYR A 261 -5.58 -5.50 37.20
C TYR A 261 -7.07 -5.61 37.52
N LYS A 262 -7.78 -4.49 37.49
CA LYS A 262 -9.23 -4.55 37.75
C LYS A 262 -9.95 -5.32 36.64
N LEU A 263 -9.51 -5.14 35.39
CA LEU A 263 -10.08 -5.93 34.30
C LEU A 263 -9.91 -7.42 34.54
N ALA A 264 -8.68 -7.84 34.87
CA ALA A 264 -8.43 -9.25 35.20
C ALA A 264 -9.23 -9.68 36.42
N GLU A 265 -9.30 -8.83 37.45
CA GLU A 265 -10.06 -9.17 38.65
C GLU A 265 -11.53 -9.37 38.32
N ARG A 266 -12.04 -8.66 37.32
CA ARG A 266 -13.43 -8.79 36.90
C ARG A 266 -13.64 -9.86 35.84
N GLY A 267 -12.61 -10.65 35.52
CA GLY A 267 -12.77 -11.79 34.65
C GLY A 267 -12.49 -11.56 33.18
N PHE A 268 -11.80 -10.47 32.82
CA PHE A 268 -11.43 -10.19 31.44
C PHE A 268 -9.98 -10.58 31.19
N LEU A 269 -9.74 -11.20 30.03
CA LEU A 269 -8.37 -11.46 29.58
C LEU A 269 -7.69 -10.17 29.14
N ILE A 270 -6.42 -10.02 29.53
CA ILE A 270 -5.63 -8.84 29.22
C ILE A 270 -4.28 -9.26 28.68
N TYR A 271 -3.57 -8.26 28.12
CA TYR A 271 -2.19 -8.43 27.73
C TYR A 271 -1.27 -8.02 28.87
N ASP A 272 -0.17 -8.74 29.03
CA ASP A 272 0.84 -8.38 30.00
C ASP A 272 1.73 -7.31 29.36
N PHE A 273 1.39 -6.04 29.57
CA PHE A 273 2.16 -4.94 29.02
C PHE A 273 3.25 -4.42 29.96
N ILE A 274 3.44 -5.06 31.10
CA ILE A 274 4.48 -4.70 32.06
C ILE A 274 5.71 -5.57 31.87
N LEU A 275 5.51 -6.84 31.52
CA LEU A 275 6.63 -7.76 31.37
C LEU A 275 7.65 -7.35 30.30
N PRO A 276 7.25 -6.80 29.14
CA PRO A 276 8.28 -6.49 28.12
C PRO A 276 9.38 -5.57 28.63
N PHE A 277 9.00 -4.45 29.24
CA PHE A 277 10.00 -3.55 29.83
C PHE A 277 10.69 -4.20 31.02
N THR A 278 9.93 -4.91 31.86
CA THR A 278 10.51 -5.52 33.05
C THR A 278 11.62 -6.49 32.70
N VAL A 279 11.43 -7.29 31.64
CA VAL A 279 12.47 -8.22 31.24
C VAL A 279 13.68 -7.48 30.68
N LEU A 280 13.45 -6.41 29.90
CA LEU A 280 14.57 -5.62 29.41
C LEU A 280 15.41 -5.08 30.57
N TYR A 281 14.74 -4.48 31.55
CA TYR A 281 15.45 -3.94 32.71
C TYR A 281 16.19 -5.04 33.46
N THR A 282 15.55 -6.20 33.62
CA THR A 282 16.17 -7.32 34.32
C THR A 282 17.51 -7.69 33.69
N LEU A 283 17.53 -7.81 32.37
CA LEU A 283 18.72 -8.28 31.66
C LEU A 283 19.76 -7.19 31.52
N ILE A 284 19.34 -5.95 31.27
CA ILE A 284 20.29 -4.86 31.13
C ILE A 284 21.02 -4.60 32.44
N ASN A 285 20.30 -4.66 33.57
CA ASN A 285 20.85 -4.33 34.88
C ASN A 285 21.25 -5.54 35.70
N LYS A 286 21.05 -6.75 35.19
CA LYS A 286 21.47 -7.97 35.88
C LYS A 286 20.89 -8.02 37.29
N SER A 287 19.61 -7.69 37.40
CA SER A 287 18.92 -7.69 38.69
C SER A 287 17.53 -8.27 38.52
N ASN A 288 17.16 -9.19 39.41
CA ASN A 288 15.85 -9.82 39.33
C ASN A 288 14.78 -9.09 40.13
N GLU A 289 15.13 -7.96 40.77
CA GLU A 289 14.28 -7.41 41.83
C GLU A 289 12.93 -6.95 41.29
N MET A 290 12.94 -6.22 40.18
CA MET A 290 11.69 -5.77 39.59
C MET A 290 10.87 -6.94 39.06
N LEU A 291 11.52 -7.90 38.41
CA LEU A 291 10.83 -9.07 37.89
C LEU A 291 10.20 -9.87 39.02
N TYR A 292 10.97 -10.12 40.09
CA TYR A 292 10.43 -10.89 41.20
C TYR A 292 9.27 -10.16 41.86
N HIS A 293 9.37 -8.84 42.03
CA HIS A 293 8.25 -8.10 42.59
C HIS A 293 7.03 -8.22 41.72
N TYR A 294 7.21 -8.20 40.39
CA TYR A 294 6.07 -8.28 39.47
C TYR A 294 5.46 -9.68 39.47
N LEU A 295 6.30 -10.72 39.42
CA LEU A 295 5.79 -12.08 39.38
C LEU A 295 4.96 -12.41 40.61
N LYS A 296 5.29 -11.83 41.75
CA LYS A 296 4.58 -12.07 43.01
C LYS A 296 3.31 -11.24 43.13
N ASN A 297 3.08 -10.27 42.24
CA ASN A 297 1.99 -9.33 42.36
C ASN A 297 1.40 -9.02 40.99
N ARG A 298 0.85 -10.04 40.34
CA ARG A 298 0.26 -9.87 39.02
C ARG A 298 -0.77 -10.95 38.81
N PRO A 299 -1.85 -10.66 38.07
CA PRO A 299 -2.78 -11.74 37.70
C PRO A 299 -2.10 -12.69 36.72
N ILE A 300 -2.52 -13.95 36.75
CA ILE A 300 -1.87 -14.93 35.89
C ILE A 300 -2.58 -15.10 34.55
N ASN A 301 -3.83 -14.66 34.43
CA ASN A 301 -4.59 -14.88 33.20
C ASN A 301 -4.36 -13.72 32.23
N GLN A 302 -3.12 -13.69 31.75
CA GLN A 302 -2.66 -12.69 30.79
C GLN A 302 -2.00 -13.38 29.61
N PHE A 303 -2.02 -12.69 28.46
CA PHE A 303 -1.21 -13.10 27.32
C PHE A 303 0.12 -12.37 27.42
N THR A 304 1.20 -13.14 27.49
CA THR A 304 2.52 -12.55 27.64
C THR A 304 3.20 -12.37 26.29
N MET A 305 4.15 -11.44 26.26
CA MET A 305 4.90 -11.13 25.06
C MET A 305 6.17 -10.46 25.48
N LEU A 306 7.15 -10.48 24.58
CA LEU A 306 8.26 -9.53 24.64
C LEU A 306 8.03 -8.46 23.59
N ASP A 307 8.03 -8.84 22.31
CA ASP A 307 7.67 -7.97 21.21
C ASP A 307 6.25 -8.26 20.72
N CYS A 308 5.68 -7.26 20.06
CA CYS A 308 4.42 -7.38 19.33
C CYS A 308 4.49 -6.42 18.16
N HIS A 309 3.35 -6.13 17.53
CA HIS A 309 3.38 -5.27 16.34
C HIS A 309 3.53 -3.80 16.68
N ASP A 310 3.27 -3.41 17.94
CA ASP A 310 3.51 -2.07 18.42
C ASP A 310 4.87 -2.04 19.11
N GLY A 311 5.16 -0.95 19.84
CA GLY A 311 6.41 -0.81 20.56
C GLY A 311 6.34 -1.34 21.99
N ILE A 312 7.51 -1.33 22.64
CA ILE A 312 7.64 -1.80 24.03
C ILE A 312 7.01 -0.75 24.95
N PRO A 313 5.99 -1.09 25.74
CA PRO A 313 5.30 -0.05 26.52
C PRO A 313 6.16 0.55 27.61
N VAL A 314 6.01 1.86 27.81
CA VAL A 314 6.62 2.56 28.92
C VAL A 314 5.54 3.29 29.70
N LYS A 315 5.08 4.46 29.19
CA LYS A 315 3.98 5.17 29.84
C LYS A 315 2.69 5.02 29.02
N PRO A 316 1.54 4.82 29.67
CA PRO A 316 1.25 4.78 31.10
C PRO A 316 1.44 3.41 31.75
N ASP A 317 1.82 2.41 30.96
CA ASP A 317 1.75 1.01 31.41
C ASP A 317 2.58 0.76 32.66
N LEU A 318 3.72 1.43 32.77
CA LEU A 318 4.64 1.28 33.89
C LEU A 318 4.52 2.42 34.90
N ASP A 319 3.52 3.29 34.77
CA ASP A 319 3.34 4.40 35.72
C ASP A 319 3.22 3.86 37.14
N GLY A 320 3.98 4.46 38.06
CA GLY A 320 3.95 4.05 39.44
C GLY A 320 4.75 2.81 39.76
N LEU A 321 5.35 2.16 38.74
CA LEU A 321 6.15 0.98 38.92
C LEU A 321 7.64 1.21 38.70
N ILE A 322 8.00 2.28 37.99
CA ILE A 322 9.40 2.65 37.79
C ILE A 322 9.48 4.15 37.82
N ASP A 323 10.60 4.66 38.30
CA ASP A 323 10.80 6.11 38.30
C ASP A 323 11.38 6.55 36.95
N THR A 324 11.36 7.86 36.73
CA THR A 324 11.83 8.40 35.45
C THR A 324 13.28 8.04 35.19
N LYS A 325 14.12 8.07 36.23
CA LYS A 325 15.53 7.72 36.05
C LYS A 325 15.69 6.37 35.38
N LYS A 326 15.00 5.35 35.90
CA LYS A 326 15.18 3.99 35.37
C LYS A 326 14.44 3.81 34.05
N ALA A 327 13.27 4.44 33.89
CA ALA A 327 12.61 4.42 32.60
C ALA A 327 13.53 5.03 31.54
N LYS A 328 14.10 6.18 31.84
CA LYS A 328 14.97 6.85 30.87
C LYS A 328 16.25 6.04 30.62
N GLU A 329 16.78 5.37 31.65
CA GLU A 329 17.95 4.53 31.46
C GLU A 329 17.70 3.50 30.35
N VAL A 330 16.62 2.73 30.49
CA VAL A 330 16.30 1.68 29.53
C VAL A 330 15.95 2.28 28.17
N VAL A 331 15.16 3.36 28.15
CA VAL A 331 14.78 4.00 26.89
C VAL A 331 16.03 4.47 26.14
N ASP A 332 16.91 5.18 26.84
CA ASP A 332 18.11 5.71 26.20
C ASP A 332 19.01 4.59 25.67
N ILE A 333 19.12 3.48 26.42
CA ILE A 333 19.92 2.35 25.94
C ILE A 333 19.28 1.75 24.69
N CYS A 334 17.95 1.61 24.68
CA CYS A 334 17.30 1.08 23.48
C CYS A 334 17.51 2.02 22.30
N VAL A 335 17.42 3.33 22.53
CA VAL A 335 17.61 4.28 21.43
C VAL A 335 19.06 4.24 20.93
N GLN A 336 20.04 4.07 21.82
CA GLN A 336 21.40 3.87 21.35
C GLN A 336 21.53 2.60 20.52
N ARG A 337 20.64 1.63 20.73
CA ARG A 337 20.64 0.38 20.00
C ARG A 337 19.73 0.43 18.78
N GLY A 338 19.35 1.65 18.35
CA GLY A 338 18.62 1.88 17.11
C GLY A 338 17.15 2.21 17.26
N ALA A 339 16.62 2.21 18.47
CA ALA A 339 15.20 2.45 18.66
C ALA A 339 14.80 3.89 18.32
N ASN A 340 13.54 4.06 17.94
CA ASN A 340 12.87 5.36 17.95
C ASN A 340 11.67 5.26 18.90
N LEU A 341 11.07 6.40 19.20
CA LEU A 341 10.10 6.48 20.28
C LEU A 341 8.77 7.01 19.80
N SER A 342 7.70 6.41 20.29
CA SER A 342 6.37 6.98 20.21
C SER A 342 6.09 7.73 21.50
N LEU A 343 5.66 8.97 21.37
CA LEU A 343 5.50 9.86 22.52
C LEU A 343 4.02 9.96 22.85
N ILE A 344 3.75 10.39 24.08
CA ILE A 344 2.38 10.66 24.49
C ILE A 344 1.84 11.92 23.80
N TYR A 345 2.65 12.96 23.70
CA TYR A 345 2.20 14.25 23.17
C TYR A 345 0.90 14.68 23.82
N GLU A 352 5.12 18.23 25.51
CA GLU A 352 6.34 19.01 25.67
C GLU A 352 6.89 18.90 27.10
N ASP A 353 6.00 18.70 28.06
CA ASP A 353 6.37 18.67 29.46
C ASP A 353 6.52 17.24 29.97
N GLY A 354 7.55 17.02 30.79
CA GLY A 354 7.72 15.76 31.49
C GLY A 354 8.24 14.64 30.61
N PHE A 355 8.46 13.50 31.26
CA PHE A 355 8.76 12.26 30.56
C PHE A 355 7.50 11.83 29.81
N ASP A 356 7.59 11.65 28.50
CA ASP A 356 6.39 11.42 27.70
C ASP A 356 6.61 10.29 26.70
N VAL A 357 7.35 9.26 27.09
CA VAL A 357 7.60 8.13 26.21
C VAL A 357 6.47 7.12 26.39
N HIS A 358 5.73 6.88 25.31
CA HIS A 358 4.64 5.90 25.29
C HIS A 358 5.16 4.51 25.01
N GLN A 359 5.96 4.36 23.95
CA GLN A 359 6.48 3.05 23.57
C GLN A 359 7.86 3.21 22.92
N ILE A 360 8.66 2.15 23.07
CA ILE A 360 9.97 2.04 22.45
C ILE A 360 9.80 1.18 21.20
N ASN A 361 10.00 1.80 20.04
CA ASN A 361 9.90 1.12 18.75
C ASN A 361 11.28 0.56 18.39
N CYS A 362 11.41 -0.76 18.46
CA CYS A 362 12.69 -1.46 18.40
C CYS A 362 12.40 -2.95 18.34
N THR A 363 13.14 -3.71 17.53
CA THR A 363 12.99 -5.16 17.64
C THR A 363 13.56 -5.60 18.99
N TYR A 364 12.96 -6.65 19.57
CA TYR A 364 13.40 -7.04 20.91
C TYR A 364 14.82 -7.54 20.91
N TYR A 365 15.21 -8.27 19.86
CA TYR A 365 16.58 -8.73 19.72
C TYR A 365 17.56 -7.57 19.63
N SER A 366 17.22 -6.54 18.84
CA SER A 366 18.07 -5.35 18.77
C SER A 366 18.11 -4.63 20.11
N ALA A 367 16.99 -4.63 20.85
CA ALA A 367 16.95 -3.97 22.15
C ALA A 367 17.91 -4.60 23.14
N LEU A 368 18.17 -5.90 22.99
CA LEU A 368 19.14 -6.62 23.81
C LEU A 368 20.54 -6.63 23.19
N ASN A 369 20.80 -5.71 22.27
CA ASN A 369 22.13 -5.59 21.66
C ASN A 369 22.50 -6.84 20.87
N CYS A 370 21.48 -7.54 20.36
CA CYS A 370 21.66 -8.76 19.56
C CYS A 370 22.43 -9.83 20.33
N ASP A 371 22.32 -9.80 21.66
CA ASP A 371 22.97 -10.75 22.55
C ASP A 371 22.11 -12.02 22.55
N ASP A 372 22.54 -13.03 21.80
CA ASP A 372 21.76 -14.26 21.65
C ASP A 372 21.42 -14.85 23.01
N ASP A 373 22.43 -14.94 23.89
CA ASP A 373 22.22 -15.58 25.19
C ASP A 373 21.22 -14.81 26.03
N ALA A 374 21.34 -13.48 26.06
CA ALA A 374 20.38 -12.67 26.80
C ALA A 374 18.98 -12.78 26.18
N TYR A 375 18.91 -12.88 24.86
CA TYR A 375 17.63 -12.99 24.19
C TYR A 375 16.96 -14.32 24.50
N LEU A 376 17.71 -15.42 24.48
CA LEU A 376 17.15 -16.71 24.89
C LEU A 376 16.75 -16.66 26.36
N ALA A 377 17.54 -15.97 27.20
CA ALA A 377 17.17 -15.81 28.60
C ALA A 377 15.85 -15.07 28.73
N ALA A 378 15.66 -14.02 27.92
CA ALA A 378 14.41 -13.25 27.92
C ALA A 378 13.21 -14.14 27.59
N ARG A 379 13.33 -14.97 26.55
CA ARG A 379 12.23 -15.84 26.16
C ARG A 379 11.99 -16.92 27.22
N ALA A 380 13.05 -17.42 27.84
CA ALA A 380 12.88 -18.39 28.92
C ALA A 380 12.08 -17.77 30.07
N ILE A 381 12.46 -16.56 30.48
CA ILE A 381 11.70 -15.85 31.50
C ILE A 381 10.24 -15.72 31.08
N GLN A 382 10.01 -15.28 29.84
CA GLN A 382 8.65 -15.14 29.34
C GLN A 382 7.89 -16.45 29.44
N PHE A 383 8.50 -17.54 28.97
CA PHE A 383 7.80 -18.82 28.91
C PHE A 383 7.59 -19.43 30.30
N PHE A 384 8.43 -19.08 31.27
CA PHE A 384 8.24 -19.54 32.65
C PHE A 384 7.29 -18.65 33.44
N THR A 385 6.89 -17.51 32.91
CA THR A 385 5.93 -16.63 33.56
C THR A 385 4.51 -17.14 33.31
N PRO A 386 3.67 -17.25 34.34
CA PRO A 386 2.29 -17.69 34.12
C PRO A 386 1.59 -16.79 33.10
N GLY A 387 0.85 -17.42 32.20
CA GLY A 387 0.16 -16.75 31.12
C GLY A 387 0.40 -17.47 29.80
N ILE A 388 -0.40 -17.06 28.81
CA ILE A 388 -0.31 -17.64 27.47
C ILE A 388 0.78 -16.92 26.73
N PRO A 389 1.88 -17.58 26.34
CA PRO A 389 3.01 -16.89 25.71
C PRO A 389 2.81 -16.70 24.21
N GLN A 390 3.09 -15.48 23.74
CA GLN A 390 3.04 -15.12 22.33
C GLN A 390 4.42 -14.68 21.87
N VAL A 391 4.78 -15.10 20.67
CA VAL A 391 6.05 -14.73 20.04
C VAL A 391 5.73 -13.99 18.74
N TYR A 392 6.21 -12.76 18.65
CA TYR A 392 6.05 -11.96 17.43
C TYR A 392 7.00 -12.48 16.35
N TYR A 393 6.54 -12.43 15.09
CA TYR A 393 7.27 -13.10 14.01
C TYR A 393 8.67 -12.54 13.83
N VAL A 394 8.86 -11.24 14.03
CA VAL A 394 10.20 -10.67 13.89
C VAL A 394 11.12 -11.27 14.95
N GLY A 395 10.65 -11.36 16.19
CA GLY A 395 11.44 -11.95 17.25
C GLY A 395 11.67 -13.44 17.05
N LEU A 396 10.71 -14.12 16.46
CA LEU A 396 10.88 -15.53 16.12
C LEU A 396 12.12 -15.74 15.26
N LEU A 397 12.38 -14.83 14.33
CA LEU A 397 13.49 -14.94 13.40
C LEU A 397 14.68 -14.10 13.84
N ALA A 398 14.69 -13.64 15.09
CA ALA A 398 15.74 -12.81 15.63
C ALA A 398 16.02 -11.62 14.73
N GLY A 399 14.96 -10.95 14.30
CA GLY A 399 15.12 -9.85 13.37
C GLY A 399 15.69 -8.62 14.05
N VAL A 400 16.51 -7.88 13.29
CA VAL A 400 17.09 -6.63 13.77
C VAL A 400 16.30 -5.46 13.19
N ASN A 401 16.51 -4.29 13.78
CA ASN A 401 15.82 -3.07 13.38
C ASN A 401 15.90 -2.85 11.87
N ASP A 402 14.74 -2.58 11.27
CA ASP A 402 14.59 -2.34 9.83
C ASP A 402 14.70 -0.85 9.57
N PHE A 403 15.94 -0.38 9.46
CA PHE A 403 16.17 1.05 9.23
C PHE A 403 15.74 1.46 7.82
N GLU A 404 15.84 0.57 6.84
CA GLU A 404 15.40 0.93 5.49
C GLU A 404 13.93 1.30 5.48
N ALA A 405 13.09 0.49 6.14
CA ALA A 405 11.66 0.78 6.18
C ALA A 405 11.39 2.08 6.93
N VAL A 406 12.18 2.37 7.96
CA VAL A 406 12.03 3.63 8.67
C VAL A 406 12.39 4.80 7.78
N LYS A 407 13.55 4.71 7.11
CA LYS A 407 13.98 5.82 6.25
C LYS A 407 13.01 6.03 5.09
N LYS A 408 12.52 4.94 4.49
CA LYS A 408 11.67 5.08 3.31
C LYS A 408 10.28 5.57 3.68
N THR A 409 9.68 5.00 4.73
CA THR A 409 8.30 5.34 5.07
C THR A 409 8.21 6.49 6.06
N LYS A 410 9.30 6.83 6.74
CA LYS A 410 9.28 7.83 7.81
C LYS A 410 8.31 7.44 8.93
N GLU A 411 7.98 6.16 9.04
CA GLU A 411 7.10 5.65 10.08
C GLU A 411 7.95 4.84 11.05
N GLY A 412 8.13 5.36 12.26
CA GLY A 412 9.02 4.74 13.21
C GLY A 412 8.64 3.32 13.55
N ARG A 413 7.34 3.02 13.60
CA ARG A 413 6.92 1.69 14.02
C ARG A 413 7.26 0.62 12.99
N GLU A 414 7.54 1.01 11.75
CA GLU A 414 7.96 0.05 10.72
C GLU A 414 9.32 -0.56 11.03
N ILE A 415 10.05 -0.03 12.03
CA ILE A 415 11.33 -0.62 12.41
C ILE A 415 11.17 -2.07 12.81
N ASN A 416 9.98 -2.43 13.29
CA ASN A 416 9.68 -3.74 13.85
C ASN A 416 8.58 -4.45 13.05
N ARG A 417 8.45 -4.12 11.76
CA ARG A 417 7.41 -4.70 10.92
C ARG A 417 7.94 -5.15 9.55
N HIS A 418 9.19 -5.58 9.49
CA HIS A 418 9.79 -6.09 8.26
C HIS A 418 8.92 -7.18 7.64
N ASN A 419 8.83 -7.16 6.31
CA ASN A 419 8.16 -8.23 5.57
C ASN A 419 9.21 -9.22 5.06
N TYR A 420 9.09 -10.48 5.45
CA TYR A 420 10.02 -11.54 5.05
C TYR A 420 9.52 -12.27 3.81
N GLY A 421 10.39 -12.42 2.83
CA GLY A 421 10.12 -13.35 1.75
C GLY A 421 10.44 -14.78 2.16
N LEU A 422 9.97 -15.73 1.35
CA LEU A 422 10.19 -17.14 1.65
C LEU A 422 11.68 -17.47 1.73
N LYS A 423 12.48 -16.94 0.81
CA LYS A 423 13.91 -17.25 0.82
C LYS A 423 14.57 -16.69 2.08
N GLU A 424 14.13 -15.50 2.53
CA GLU A 424 14.70 -14.92 3.73
C GLU A 424 14.30 -15.73 4.97
N ILE A 425 13.07 -16.24 4.99
CA ILE A 425 12.67 -17.12 6.07
C ILE A 425 13.53 -18.38 6.08
N GLU A 426 13.71 -18.98 4.90
CA GLU A 426 14.54 -20.18 4.78
C GLU A 426 15.93 -19.93 5.37
N GLU A 427 16.51 -18.76 5.09
CA GLU A 427 17.82 -18.43 5.64
C GLU A 427 17.76 -18.19 7.14
N SER A 428 16.76 -17.42 7.59
CA SER A 428 16.74 -16.99 8.99
C SER A 428 16.56 -18.17 9.94
N VAL A 429 15.74 -19.15 9.58
CA VAL A 429 15.45 -20.24 10.50
C VAL A 429 16.69 -21.10 10.76
N GLN A 430 17.70 -20.99 9.91
CA GLN A 430 18.93 -21.74 10.09
C GLN A 430 19.90 -21.07 11.05
N LYS A 431 19.66 -19.81 11.42
CA LYS A 431 20.53 -19.14 12.38
C LYS A 431 20.52 -19.86 13.70
N ASN A 432 21.70 -19.94 14.34
CA ASN A 432 21.79 -20.67 15.60
C ASN A 432 20.82 -20.14 16.65
N VAL A 433 20.68 -18.81 16.74
CA VAL A 433 19.79 -18.24 17.76
C VAL A 433 18.34 -18.63 17.51
N VAL A 434 17.94 -18.75 16.24
CA VAL A 434 16.58 -19.15 15.92
C VAL A 434 16.37 -20.62 16.22
N GLN A 435 17.33 -21.47 15.89
CA GLN A 435 17.20 -22.88 16.21
C GLN A 435 17.14 -23.10 17.73
N ARG A 436 17.91 -22.31 18.49
CA ARG A 436 17.81 -22.40 19.95
C ARG A 436 16.44 -21.97 20.44
N LEU A 437 15.88 -20.91 19.85
CA LEU A 437 14.56 -20.44 20.26
C LEU A 437 13.48 -21.46 19.92
N LEU A 438 13.58 -22.10 18.75
CA LEU A 438 12.58 -23.09 18.37
C LEU A 438 12.61 -24.28 19.32
N LYS A 439 13.80 -24.70 19.76
CA LYS A 439 13.90 -25.80 20.72
C LYS A 439 13.27 -25.42 22.05
N LEU A 440 13.52 -24.18 22.51
CA LEU A 440 12.92 -23.70 23.74
C LEU A 440 11.41 -23.64 23.62
N ILE A 441 10.90 -23.15 22.48
CA ILE A 441 9.45 -23.09 22.28
C ILE A 441 8.85 -24.48 22.38
N ARG A 442 9.44 -25.44 21.68
CA ARG A 442 8.89 -26.79 21.70
C ARG A 442 8.97 -27.40 23.09
N PHE A 443 10.02 -27.10 23.85
CA PHE A 443 10.04 -27.54 25.24
C PHE A 443 8.87 -26.96 26.02
N ARG A 444 8.59 -25.67 25.82
CA ARG A 444 7.47 -25.03 26.50
C ARG A 444 6.12 -25.61 26.07
N ASN A 445 6.03 -26.12 24.84
CA ASN A 445 4.79 -26.75 24.38
C ASN A 445 4.68 -28.20 24.81
N GLU A 446 5.81 -28.89 25.01
CA GLU A 446 5.78 -30.33 25.22
C GLU A 446 5.84 -30.72 26.68
N TYR A 447 6.58 -29.98 27.51
CA TYR A 447 6.82 -30.45 28.87
C TYR A 447 5.62 -30.17 29.76
N GLU A 448 5.13 -31.21 30.42
CA GLU A 448 3.82 -31.17 31.06
C GLU A 448 3.79 -30.29 32.31
N ALA A 449 4.94 -29.99 32.91
CA ALA A 449 4.95 -29.24 34.16
C ALA A 449 4.37 -27.85 34.02
N PHE A 450 4.47 -27.24 32.82
CA PHE A 450 3.94 -25.90 32.65
C PHE A 450 2.43 -25.83 32.84
N ASN A 451 1.76 -26.98 32.83
CA ASN A 451 0.34 -27.02 33.08
C ASN A 451 0.02 -27.32 34.53
N GLY A 452 0.98 -27.13 35.44
CA GLY A 452 0.79 -27.39 36.85
C GLY A 452 1.01 -26.19 37.74
N GLU A 453 1.76 -26.39 38.81
CA GLU A 453 1.94 -25.38 39.84
C GLU A 453 3.24 -24.61 39.61
N PHE A 454 3.18 -23.30 39.84
CA PHE A 454 4.30 -22.39 39.62
C PHE A 454 4.87 -21.95 40.96
N PHE A 455 6.20 -21.98 41.07
CA PHE A 455 6.91 -21.59 42.28
C PHE A 455 8.05 -20.64 41.93
N ILE A 456 8.09 -19.50 42.60
CA ILE A 456 9.19 -18.55 42.51
C ILE A 456 10.20 -18.92 43.59
N GLU A 457 11.43 -19.24 43.19
CA GLU A 457 12.41 -19.82 44.09
C GLU A 457 13.36 -18.73 44.56
N ASP A 458 13.77 -18.83 45.82
CA ASP A 458 14.77 -17.92 46.35
C ASP A 458 16.08 -18.06 45.60
N CYS A 459 16.78 -16.95 45.44
CA CYS A 459 18.05 -16.95 44.73
C CYS A 459 18.70 -15.58 44.92
N ARG A 460 19.94 -15.47 44.44
CA ARG A 460 20.67 -14.21 44.49
C ARG A 460 20.06 -13.19 43.53
N LYS A 461 20.34 -11.92 43.80
CA LYS A 461 19.78 -10.85 42.98
C LYS A 461 20.17 -10.99 41.51
N ASP A 462 21.36 -11.51 41.23
CA ASP A 462 21.81 -11.70 39.85
C ASP A 462 21.50 -13.09 39.33
N GLU A 463 20.46 -13.73 39.85
CA GLU A 463 20.02 -15.03 39.36
C GLU A 463 18.51 -14.98 39.17
N ILE A 464 18.00 -15.96 38.41
CA ILE A 464 16.56 -16.19 38.27
C ILE A 464 16.32 -17.68 38.46
N ARG A 465 15.40 -18.03 39.35
CA ARG A 465 15.07 -19.44 39.60
C ARG A 465 13.56 -19.58 39.69
N LEU A 466 12.97 -20.21 38.68
CA LEU A 466 11.53 -20.42 38.60
C LEU A 466 11.23 -21.88 38.29
N THR A 467 10.20 -22.43 38.93
CA THR A 467 9.91 -23.85 38.84
C THR A 467 8.44 -24.09 38.56
N TRP A 468 8.16 -25.05 37.67
CA TRP A 468 6.83 -25.58 37.42
C TRP A 468 6.82 -27.05 37.82
N LYS A 469 5.71 -27.49 38.42
CA LYS A 469 5.59 -28.87 38.87
C LYS A 469 4.22 -29.43 38.48
N LYS A 470 4.22 -30.63 37.90
CA LYS A 470 2.97 -31.37 37.69
C LYS A 470 3.26 -32.87 37.81
N ASP A 471 2.65 -33.51 38.79
CA ASP A 471 2.77 -34.96 38.96
C ASP A 471 4.25 -35.26 39.19
N ASP A 472 4.84 -36.19 38.45
CA ASP A 472 6.26 -36.49 38.56
C ASP A 472 7.10 -35.61 37.66
N LYS A 473 6.48 -34.69 36.93
CA LYS A 473 7.21 -33.79 36.04
C LYS A 473 7.53 -32.50 36.78
N ARG A 474 8.72 -31.97 36.56
CA ARG A 474 9.11 -30.71 37.16
C ARG A 474 10.21 -30.14 36.28
N CYS A 475 10.15 -28.83 36.04
CA CYS A 475 11.22 -28.14 35.32
C CYS A 475 11.56 -26.85 36.05
N SER A 476 12.86 -26.61 36.23
CA SER A 476 13.36 -25.48 37.01
C SER A 476 14.30 -24.67 36.12
N LEU A 477 13.90 -23.45 35.82
CA LEU A 477 14.74 -22.51 35.09
C LEU A 477 15.79 -21.92 36.01
N PHE A 478 17.03 -21.91 35.56
CA PHE A 478 18.08 -21.16 36.24
C PHE A 478 18.77 -20.27 35.22
N ILE A 479 18.83 -18.97 35.52
CA ILE A 479 19.58 -18.01 34.71
C ILE A 479 20.62 -17.34 35.59
N ASP A 480 21.87 -17.38 35.14
CA ASP A 480 22.95 -16.56 35.71
C ASP A 480 22.96 -15.26 34.93
N LEU A 481 22.50 -14.18 35.55
CA LEU A 481 22.43 -12.89 34.85
C LEU A 481 23.80 -12.30 34.58
N LYS A 482 24.84 -12.82 35.24
CA LYS A 482 26.20 -12.38 34.93
C LYS A 482 26.60 -12.80 33.52
N THR A 483 26.25 -14.03 33.13
CA THR A 483 26.63 -14.59 31.84
C THR A 483 25.45 -14.82 30.91
N TYR A 484 24.21 -14.67 31.40
CA TYR A 484 22.99 -15.02 30.69
C TYR A 484 22.91 -16.51 30.35
N LYS A 485 23.76 -17.33 30.97
CA LYS A 485 23.63 -18.77 30.82
C LYS A 485 22.29 -19.21 31.37
N THR A 486 21.53 -19.95 30.56
CA THR A 486 20.16 -20.33 30.86
C THR A 486 20.07 -21.84 30.83
N THR A 487 19.73 -22.44 31.97
CA THR A 487 19.62 -23.89 32.09
C THR A 487 18.24 -24.25 32.62
N ILE A 488 17.70 -25.34 32.11
CA ILE A 488 16.43 -25.88 32.60
C ILE A 488 16.70 -27.30 33.09
N ASP A 489 16.56 -27.51 34.40
CA ASP A 489 16.65 -28.83 35.00
C ASP A 489 15.25 -29.43 35.02
N TYR A 490 15.09 -30.60 34.42
CA TYR A 490 13.76 -31.20 34.32
C TYR A 490 13.84 -32.70 34.51
N ILE A 491 12.68 -33.31 34.72
CA ILE A 491 12.56 -34.75 34.95
C ILE A 491 12.13 -35.39 33.63
N ASN A 492 12.94 -36.31 33.13
CA ASN A 492 12.66 -36.93 31.83
C ASN A 492 11.65 -38.06 32.01
N GLU A 493 11.36 -38.80 30.93
CA GLU A 493 10.33 -39.82 30.99
C GLU A 493 10.71 -40.97 31.91
N ASN A 494 12.01 -41.19 32.14
CA ASN A 494 12.47 -42.24 33.03
C ASN A 494 12.60 -41.78 34.48
N GLY A 495 12.16 -40.57 34.80
CA GLY A 495 12.28 -40.05 36.16
C GLY A 495 13.63 -39.51 36.52
N GLU A 496 14.54 -39.39 35.57
CA GLU A 496 15.89 -38.90 35.83
C GLU A 496 15.92 -37.38 35.66
N GLU A 497 16.70 -36.71 36.49
CA GLU A 497 16.87 -35.27 36.33
C GLU A 497 17.88 -35.02 35.22
N VAL A 498 17.49 -34.19 34.25
CA VAL A 498 18.28 -33.91 33.07
C VAL A 498 18.47 -32.40 32.96
N LYS A 499 19.62 -32.00 32.46
CA LYS A 499 19.98 -30.60 32.30
C LYS A 499 19.88 -30.21 30.83
N TYR A 500 19.03 -29.24 30.53
CA TYR A 500 18.83 -28.69 29.18
C TYR A 500 19.46 -27.31 29.14
N LEU A 501 20.59 -27.19 28.43
CA LEU A 501 21.24 -25.90 28.26
C LEU A 501 20.57 -25.18 27.09
N VAL A 502 19.88 -24.09 27.39
CA VAL A 502 19.07 -23.38 26.41
C VAL A 502 20.00 -22.63 25.48
N GLY B 11 -15.24 19.79 -30.95
CA GLY B 11 -14.54 19.75 -29.69
C GLY B 11 -13.17 20.40 -29.70
N MET B 12 -12.79 21.00 -30.83
CA MET B 12 -11.43 21.46 -31.03
C MET B 12 -11.19 22.97 -30.92
N ALA B 13 -12.23 23.81 -30.95
CA ALA B 13 -11.99 25.25 -31.03
C ALA B 13 -11.25 25.82 -29.83
N SER B 14 -11.44 25.24 -28.65
CA SER B 14 -10.87 25.79 -27.42
C SER B 14 -9.56 25.11 -27.01
N MET B 15 -8.99 24.29 -27.88
CA MET B 15 -7.82 23.48 -27.56
C MET B 15 -6.56 24.34 -27.61
N ALA B 16 -5.80 24.38 -26.51
CA ALA B 16 -4.60 25.24 -26.42
C ALA B 16 -3.43 24.50 -25.76
N LEU B 17 -2.60 23.86 -26.60
CA LEU B 17 -1.43 23.14 -26.14
C LEU B 17 -0.15 23.97 -26.33
N LYS B 18 0.52 24.30 -25.23
CA LYS B 18 1.83 24.95 -25.27
C LYS B 18 2.88 23.94 -25.75
N ASN B 19 3.78 24.35 -26.64
CA ASN B 19 4.77 23.42 -27.20
C ASN B 19 6.03 23.40 -26.34
N LYS B 20 5.85 22.94 -25.10
CA LYS B 20 6.90 22.86 -24.10
C LYS B 20 7.01 21.44 -23.54
N VAL B 21 8.20 21.10 -23.05
CA VAL B 21 8.40 19.78 -22.46
C VAL B 21 7.53 19.64 -21.21
N GLN B 22 6.97 18.45 -21.03
CA GLN B 22 6.14 18.13 -19.87
C GLN B 22 6.77 17.02 -19.04
N LEU B 23 6.45 17.00 -17.75
CA LEU B 23 6.91 16.00 -16.82
C LEU B 23 5.80 14.99 -16.56
N ILE B 24 6.17 13.70 -16.48
CA ILE B 24 5.29 12.65 -16.00
C ILE B 24 5.82 12.21 -14.64
N THR B 25 4.97 12.21 -13.62
CA THR B 25 5.40 11.79 -12.30
C THR B 25 4.22 11.23 -11.53
N TYR B 26 4.51 10.31 -10.61
CA TYR B 26 3.53 9.95 -9.60
C TYR B 26 3.42 11.09 -8.59
N PRO B 27 2.29 11.20 -7.89
CA PRO B 27 2.14 12.28 -6.91
C PRO B 27 3.12 12.17 -5.75
N ASP B 28 3.67 10.97 -5.51
CA ASP B 28 4.53 10.72 -4.35
C ASP B 28 5.95 10.36 -4.71
N SER B 29 6.30 10.29 -5.99
CA SER B 29 7.58 9.76 -6.40
C SER B 29 8.70 10.79 -6.41
N LEU B 30 8.38 12.06 -6.21
CA LEU B 30 9.39 13.12 -6.09
C LEU B 30 9.22 13.79 -4.72
N GLY B 31 9.71 13.13 -3.68
CA GLY B 31 9.69 13.70 -2.36
C GLY B 31 8.60 13.19 -1.46
N GLY B 32 7.57 12.52 -2.00
CA GLY B 32 6.58 11.84 -1.21
C GLY B 32 5.16 12.36 -1.34
N ASN B 33 4.95 13.60 -1.78
CA ASN B 33 3.59 14.14 -1.86
C ASN B 33 3.59 15.35 -2.79
N LEU B 34 2.40 15.94 -2.97
CA LEU B 34 2.27 17.03 -3.94
C LEU B 34 2.98 18.29 -3.50
N LYS B 35 3.10 18.53 -2.19
CA LYS B 35 3.80 19.71 -1.74
C LYS B 35 5.30 19.60 -2.01
N THR B 36 5.88 18.42 -1.77
CA THR B 36 7.30 18.24 -2.08
CA THR B 36 7.30 18.25 -2.08
C THR B 36 7.53 18.21 -3.59
N LEU B 37 6.58 17.68 -4.35
CA LEU B 37 6.69 17.74 -5.80
C LEU B 37 6.80 19.19 -6.27
N ASN B 38 5.88 20.05 -5.81
CA ASN B 38 5.91 21.46 -6.19
C ASN B 38 7.19 22.13 -5.71
N ASP B 39 7.64 21.81 -4.49
CA ASP B 39 8.90 22.38 -4.01
C ASP B 39 10.07 21.97 -4.90
N VAL B 40 10.12 20.70 -5.28
CA VAL B 40 11.20 20.21 -6.12
C VAL B 40 11.15 20.87 -7.49
N LEU B 41 9.94 21.02 -8.04
CA LEU B 41 9.79 21.69 -9.32
C LEU B 41 10.33 23.12 -9.25
N GLU B 42 9.96 23.84 -8.19
CA GLU B 42 10.39 25.24 -8.09
C GLU B 42 11.89 25.35 -7.84
N LYS B 43 12.44 24.47 -6.99
CA LYS B 43 13.85 24.61 -6.62
C LYS B 43 14.79 24.12 -7.72
N TYR B 44 14.45 23.04 -8.42
CA TYR B 44 15.38 22.40 -9.34
C TYR B 44 14.96 22.46 -10.79
N PHE B 45 13.68 22.73 -11.09
CA PHE B 45 13.10 22.55 -12.42
C PHE B 45 12.25 23.75 -12.83
N SER B 46 12.55 24.93 -12.29
CA SER B 46 11.63 26.06 -12.36
C SER B 46 11.19 26.37 -13.79
N ASP B 47 12.12 26.40 -14.74
CA ASP B 47 11.80 26.70 -16.13
C ASP B 47 11.90 25.48 -17.03
N VAL B 48 11.88 24.28 -16.46
CA VAL B 48 12.10 23.07 -17.25
C VAL B 48 10.83 22.49 -17.85
N PHE B 49 9.70 22.62 -17.18
CA PHE B 49 8.46 22.00 -17.64
C PHE B 49 7.35 23.02 -17.80
N GLY B 50 6.59 22.89 -18.89
CA GLY B 50 5.40 23.68 -19.07
C GLY B 50 4.14 22.99 -18.60
N GLY B 51 4.23 21.69 -18.34
CA GLY B 51 3.09 20.92 -17.87
C GLY B 51 3.57 19.71 -17.11
N VAL B 52 2.65 19.11 -16.37
CA VAL B 52 2.92 17.95 -15.55
C VAL B 52 1.74 16.99 -15.66
N HIS B 53 2.00 15.75 -16.07
CA HIS B 53 1.04 14.66 -15.92
C HIS B 53 1.26 14.06 -14.54
N ILE B 54 0.33 14.32 -13.63
CA ILE B 54 0.32 13.69 -12.31
C ILE B 54 -0.47 12.39 -12.44
N LEU B 55 0.21 11.27 -12.27
CA LEU B 55 -0.45 9.97 -12.34
C LEU B 55 -1.48 9.88 -11.20
N PRO B 56 -2.46 8.98 -11.33
CA PRO B 56 -3.70 9.10 -10.53
C PRO B 56 -3.46 9.41 -9.07
N PRO B 57 -3.89 10.58 -8.61
CA PRO B 57 -3.71 10.96 -7.20
C PRO B 57 -4.97 10.82 -6.34
N PHE B 58 -5.99 10.15 -6.81
CA PHE B 58 -7.24 9.99 -6.08
C PHE B 58 -7.16 8.79 -5.16
N PRO B 59 -7.99 8.74 -4.12
CA PRO B 59 -8.03 7.53 -3.28
C PRO B 59 -8.26 6.32 -4.17
N SER B 60 -7.46 5.28 -3.97
CA SER B 60 -7.42 4.13 -4.85
C SER B 60 -7.19 2.87 -4.02
N SER B 61 -7.78 1.76 -4.46
CA SER B 61 -7.70 0.50 -3.72
C SER B 61 -6.73 -0.50 -4.36
N GLY B 62 -5.93 -0.08 -5.33
CA GLY B 62 -4.96 -0.96 -5.93
C GLY B 62 -4.39 -0.36 -7.20
N ASP B 63 -3.40 -1.08 -7.74
CA ASP B 63 -2.80 -0.74 -9.04
C ASP B 63 -2.22 0.67 -9.04
N ARG B 64 -1.61 1.05 -7.92
CA ARG B 64 -0.99 2.35 -7.70
C ARG B 64 -1.73 3.49 -8.40
N GLY B 65 -2.99 3.66 -7.97
CA GLY B 65 -3.82 4.77 -8.37
C GLY B 65 -4.88 4.43 -9.38
N PHE B 66 -4.73 3.34 -10.13
CA PHE B 66 -5.61 3.08 -11.24
C PHE B 66 -6.83 2.25 -10.84
N ALA B 67 -7.13 2.19 -9.54
CA ALA B 67 -8.39 1.66 -9.03
C ALA B 67 -9.05 2.76 -8.20
N PRO B 68 -9.48 3.85 -8.84
CA PRO B 68 -9.94 5.02 -8.09
C PRO B 68 -11.28 4.75 -7.40
N ILE B 69 -11.37 5.20 -6.16
CA ILE B 69 -12.59 5.07 -5.36
C ILE B 69 -13.54 6.24 -5.61
N THR B 70 -12.98 7.44 -5.78
CA THR B 70 -13.72 8.66 -6.02
C THR B 70 -12.77 9.66 -6.65
N TYR B 71 -13.31 10.55 -7.47
CA TYR B 71 -12.54 11.66 -8.01
C TYR B 71 -12.84 12.98 -7.30
N SER B 72 -13.74 12.95 -6.30
CA SER B 72 -14.16 14.16 -5.60
CA SER B 72 -14.16 14.15 -5.61
C SER B 72 -13.14 14.64 -4.57
N GLU B 73 -12.07 13.89 -4.34
CA GLU B 73 -11.03 14.33 -3.42
C GLU B 73 -9.70 13.74 -3.88
N ILE B 74 -8.62 14.40 -3.48
CA ILE B 74 -7.28 13.86 -3.65
C ILE B 74 -6.97 12.95 -2.48
N GLU B 75 -6.23 11.87 -2.73
CA GLU B 75 -5.74 11.01 -1.66
C GLU B 75 -5.00 11.87 -0.63
N PRO B 76 -5.46 11.91 0.63
CA PRO B 76 -4.86 12.86 1.58
C PRO B 76 -3.40 12.61 1.87
N LYS B 77 -2.91 11.39 1.71
CA LYS B 77 -1.47 11.19 1.84
C LYS B 77 -0.70 12.03 0.83
N PHE B 78 -1.32 12.37 -0.29
CA PHE B 78 -0.65 13.14 -1.34
C PHE B 78 -0.93 14.64 -1.27
N GLY B 79 -2.12 15.04 -0.85
CA GLY B 79 -2.47 16.45 -0.72
C GLY B 79 -3.97 16.64 -0.91
N THR B 80 -4.32 17.78 -1.50
CA THR B 80 -5.71 18.17 -1.69
C THR B 80 -5.92 18.69 -3.11
N TRP B 81 -7.19 18.78 -3.50
CA TRP B 81 -7.50 19.37 -4.81
C TRP B 81 -6.96 20.78 -4.92
N TYR B 82 -6.83 21.48 -3.80
CA TYR B 82 -6.30 22.84 -3.83
C TYR B 82 -4.82 22.86 -4.22
N ASP B 83 -4.08 21.81 -3.85
CA ASP B 83 -2.71 21.70 -4.32
C ASP B 83 -2.64 21.59 -5.84
N ILE B 84 -3.56 20.83 -6.43
CA ILE B 84 -3.60 20.71 -7.88
C ILE B 84 -3.99 22.04 -8.52
N LYS B 85 -5.03 22.67 -7.98
CA LYS B 85 -5.47 23.96 -8.52
C LYS B 85 -4.33 24.97 -8.52
N LYS B 86 -3.57 25.03 -7.43
CA LYS B 86 -2.45 25.97 -7.35
C LYS B 86 -1.36 25.61 -8.37
N MET B 87 -1.07 24.32 -8.54
CA MET B 87 -0.09 23.92 -9.54
C MET B 87 -0.53 24.29 -10.94
N ALA B 88 -1.85 24.19 -11.21
CA ALA B 88 -2.37 24.50 -12.53
C ALA B 88 -2.17 25.97 -12.90
N GLU B 89 -1.85 26.82 -11.92
CA GLU B 89 -1.53 28.21 -12.23
C GLU B 89 -0.15 28.38 -12.86
N ASN B 90 0.75 27.41 -12.68
CA ASN B 90 2.10 27.48 -13.24
C ASN B 90 2.37 26.42 -14.29
N PHE B 91 1.57 25.35 -14.34
CA PHE B 91 1.79 24.25 -15.25
C PHE B 91 0.46 23.82 -15.86
N ASP B 92 0.51 23.38 -17.12
CA ASP B 92 -0.59 22.63 -17.68
C ASP B 92 -0.65 21.26 -17.00
N ILE B 93 -1.77 20.96 -16.33
CA ILE B 93 -1.92 19.73 -15.58
C ILE B 93 -2.69 18.72 -16.42
N LEU B 94 -2.16 17.50 -16.51
CA LEU B 94 -2.82 16.36 -17.12
C LEU B 94 -3.17 15.36 -16.02
N LEU B 95 -4.43 14.98 -15.95
CA LEU B 95 -4.87 13.95 -15.03
C LEU B 95 -5.55 12.84 -15.82
N ASP B 96 -5.61 11.67 -15.18
CA ASP B 96 -6.20 10.47 -15.75
C ASP B 96 -7.68 10.35 -15.41
N LEU B 97 -8.47 9.93 -16.39
CA LEU B 97 -9.82 9.44 -16.15
C LEU B 97 -9.83 7.96 -16.51
N MET B 98 -10.17 7.12 -15.54
CA MET B 98 -10.20 5.67 -15.78
C MET B 98 -11.56 5.34 -16.37
N VAL B 99 -11.69 5.59 -17.68
CA VAL B 99 -12.98 5.41 -18.34
C VAL B 99 -13.41 3.95 -18.36
N ASN B 100 -12.49 3.02 -18.18
CA ASN B 100 -12.83 1.60 -18.30
C ASN B 100 -13.26 0.97 -16.98
N HIS B 101 -12.83 1.50 -15.84
CA HIS B 101 -13.04 0.77 -14.60
C HIS B 101 -12.97 1.71 -13.40
N VAL B 102 -13.57 1.24 -12.30
CA VAL B 102 -13.61 1.97 -11.03
C VAL B 102 -13.34 0.99 -9.91
N SER B 103 -12.88 1.51 -8.78
CA SER B 103 -12.63 0.65 -7.63
C SER B 103 -13.91 -0.06 -7.18
N ARG B 104 -13.77 -1.34 -6.81
CA ARG B 104 -14.88 -2.04 -6.16
C ARG B 104 -15.26 -1.39 -4.84
N ARG B 105 -14.39 -0.56 -4.27
CA ARG B 105 -14.68 0.11 -3.01
C ARG B 105 -15.42 1.43 -3.22
N SER B 106 -15.69 1.80 -4.47
CA SER B 106 -16.57 2.93 -4.74
CA SER B 106 -16.58 2.93 -4.73
C SER B 106 -17.96 2.66 -4.16
N ILE B 107 -18.61 3.74 -3.70
CA ILE B 107 -19.95 3.61 -3.13
C ILE B 107 -20.89 2.94 -4.12
N TYR B 108 -20.71 3.21 -5.43
CA TYR B 108 -21.60 2.63 -6.43
C TYR B 108 -21.51 1.10 -6.45
N PHE B 109 -20.30 0.56 -6.42
CA PHE B 109 -20.18 -0.89 -6.44
C PHE B 109 -20.49 -1.51 -5.09
N GLN B 110 -20.19 -0.82 -4.00
CA GLN B 110 -20.54 -1.35 -2.68
C GLN B 110 -22.04 -1.47 -2.52
N ASP B 111 -22.78 -0.48 -3.04
CA ASP B 111 -24.24 -0.53 -3.01
C ASP B 111 -24.74 -1.72 -3.82
N PHE B 112 -24.11 -1.98 -4.96
CA PHE B 112 -24.46 -3.14 -5.77
C PHE B 112 -24.18 -4.43 -5.03
N LEU B 113 -23.04 -4.52 -4.33
CA LEU B 113 -22.70 -5.72 -3.58
C LEU B 113 -23.67 -5.97 -2.43
N LYS B 114 -24.24 -4.90 -1.87
CA LYS B 114 -25.24 -5.06 -0.82
C LYS B 114 -26.57 -5.51 -1.41
N LYS B 115 -27.05 -4.82 -2.44
CA LYS B 115 -28.43 -4.96 -2.89
C LYS B 115 -28.60 -5.71 -4.20
N GLY B 116 -27.51 -6.00 -4.90
CA GLY B 116 -27.63 -6.73 -6.16
C GLY B 116 -28.43 -5.95 -7.20
N ARG B 117 -29.33 -6.66 -7.87
CA ARG B 117 -30.06 -6.06 -8.99
C ARG B 117 -31.06 -5.02 -8.52
N LYS B 118 -31.38 -4.99 -7.24
CA LYS B 118 -32.23 -3.92 -6.71
C LYS B 118 -31.46 -2.64 -6.44
N SER B 119 -30.14 -2.65 -6.62
CA SER B 119 -29.35 -1.43 -6.50
C SER B 119 -29.66 -0.49 -7.64
N GLU B 120 -29.80 0.80 -7.33
CA GLU B 120 -30.00 1.77 -8.41
C GLU B 120 -28.78 1.83 -9.33
N TYR B 121 -27.63 1.32 -8.90
CA TYR B 121 -26.39 1.38 -9.65
C TYR B 121 -26.02 0.08 -10.33
N ALA B 122 -26.87 -0.94 -10.28
CA ALA B 122 -26.51 -2.24 -10.82
C ALA B 122 -26.09 -2.16 -12.28
N ASP B 123 -26.79 -1.32 -13.06
CA ASP B 123 -26.55 -1.25 -14.49
C ASP B 123 -25.24 -0.57 -14.85
N MET B 124 -24.54 0.03 -13.88
CA MET B 124 -23.24 0.64 -14.15
C MET B 124 -22.16 -0.39 -14.39
N PHE B 125 -22.39 -1.65 -14.05
CA PHE B 125 -21.37 -2.68 -14.12
C PHE B 125 -21.76 -3.74 -15.13
N ILE B 126 -20.76 -4.41 -15.67
CA ILE B 126 -20.96 -5.39 -16.75
C ILE B 126 -21.15 -6.73 -16.07
N THR B 127 -22.34 -6.94 -15.53
CA THR B 127 -22.71 -8.28 -15.10
C THR B 127 -22.69 -9.20 -16.32
N LEU B 128 -22.22 -10.43 -16.12
CA LEU B 128 -21.94 -11.28 -17.27
C LEU B 128 -23.20 -11.63 -18.05
N ASP B 129 -24.38 -11.49 -17.45
CA ASP B 129 -25.60 -11.74 -18.21
C ASP B 129 -25.74 -10.77 -19.38
N LYS B 130 -25.01 -9.65 -19.37
CA LYS B 130 -25.03 -8.74 -20.50
C LYS B 130 -24.30 -9.29 -21.72
N LEU B 131 -23.48 -10.33 -21.55
CA LEU B 131 -22.81 -10.94 -22.69
C LEU B 131 -23.26 -12.36 -22.99
N TRP B 132 -23.65 -13.13 -21.97
CA TRP B 132 -23.92 -14.54 -22.16
C TRP B 132 -25.22 -14.96 -21.48
N LYS B 133 -25.89 -15.91 -22.13
CA LYS B 133 -27.07 -16.56 -21.58
C LYS B 133 -26.84 -16.97 -20.13
N ASP B 134 -27.76 -16.58 -19.27
CA ASP B 134 -27.73 -16.89 -17.84
C ASP B 134 -26.50 -16.35 -17.13
N GLY B 135 -25.73 -15.47 -17.75
CA GLY B 135 -24.54 -14.96 -17.12
C GLY B 135 -23.43 -15.97 -16.95
N LYS B 136 -23.45 -17.07 -17.71
CA LYS B 136 -22.45 -18.12 -17.59
C LYS B 136 -21.37 -17.94 -18.66
N PRO B 137 -20.11 -17.81 -18.28
CA PRO B 137 -19.07 -17.56 -19.29
C PRO B 137 -18.90 -18.75 -20.23
N VAL B 138 -18.49 -18.44 -21.46
CA VAL B 138 -18.29 -19.44 -22.50
C VAL B 138 -16.82 -19.43 -22.86
N LYS B 139 -16.16 -20.58 -22.68
CA LYS B 139 -14.72 -20.68 -22.87
C LYS B 139 -14.32 -20.31 -24.30
N GLY B 140 -15.06 -20.81 -25.29
CA GLY B 140 -14.71 -20.51 -26.68
C GLY B 140 -14.74 -19.04 -27.00
N ASP B 141 -15.63 -18.28 -26.38
CA ASP B 141 -15.68 -16.85 -26.63
C ASP B 141 -14.51 -16.14 -25.94
N ILE B 142 -14.19 -16.55 -24.71
N ILE B 142 -14.16 -16.57 -24.72
CA ILE B 142 -13.08 -15.96 -23.98
CA ILE B 142 -13.08 -15.91 -23.99
C ILE B 142 -11.79 -16.13 -24.76
C ILE B 142 -11.74 -16.17 -24.67
N GLU B 143 -11.58 -17.32 -25.33
CA GLU B 143 -10.34 -17.61 -26.03
C GLU B 143 -10.08 -16.66 -27.19
N LYS B 144 -11.12 -16.00 -27.71
CA LYS B 144 -10.96 -15.04 -28.79
C LYS B 144 -10.57 -13.65 -28.31
N MET B 145 -10.56 -13.41 -27.00
CA MET B 145 -10.40 -12.07 -26.45
C MET B 145 -8.93 -11.75 -26.18
N PHE B 146 -8.62 -10.45 -26.23
CA PHE B 146 -7.30 -9.96 -25.83
C PHE B 146 -7.30 -9.82 -24.32
N LEU B 147 -6.78 -10.85 -23.63
CA LEU B 147 -6.86 -10.92 -22.17
C LEU B 147 -5.65 -10.32 -21.49
N ARG B 148 -5.89 -9.60 -20.38
CA ARG B 148 -4.84 -9.05 -19.55
C ARG B 148 -4.77 -9.74 -18.19
N ARG B 149 -5.61 -10.73 -17.94
CA ARG B 149 -5.52 -11.58 -16.77
C ARG B 149 -6.20 -12.90 -17.14
N THR B 150 -6.04 -13.90 -16.27
CA THR B 150 -6.44 -15.26 -16.63
C THR B 150 -7.88 -15.31 -17.10
N LEU B 151 -8.78 -14.67 -16.35
CA LEU B 151 -10.17 -14.57 -16.72
C LEU B 151 -10.56 -13.10 -16.66
N PRO B 152 -11.33 -12.60 -17.62
CA PRO B 152 -11.69 -11.18 -17.62
C PRO B 152 -12.89 -10.84 -16.75
N TYR B 153 -13.10 -11.60 -15.68
CA TYR B 153 -14.23 -11.34 -14.78
C TYR B 153 -13.89 -11.81 -13.38
N SER B 154 -14.71 -11.36 -12.43
CA SER B 154 -14.53 -11.67 -11.02
C SER B 154 -15.90 -12.01 -10.44
N THR B 155 -15.88 -12.82 -9.39
CA THR B 155 -17.08 -13.31 -8.74
C THR B 155 -17.23 -12.62 -7.38
N PHE B 156 -18.45 -12.14 -7.11
CA PHE B 156 -18.76 -11.47 -5.85
C PHE B 156 -20.02 -12.07 -5.27
N LYS B 157 -20.15 -11.93 -3.95
CA LYS B 157 -21.33 -12.40 -3.21
C LYS B 157 -22.20 -11.19 -2.86
N ILE B 158 -23.48 -11.25 -3.22
CA ILE B 158 -24.42 -10.19 -2.88
C ILE B 158 -24.87 -10.39 -1.44
N GLU B 159 -24.75 -9.33 -0.62
CA GLU B 159 -24.94 -9.49 0.81
C GLU B 159 -26.38 -9.87 1.15
N GLU B 160 -27.35 -9.16 0.57
CA GLU B 160 -28.73 -9.33 1.01
C GLU B 160 -29.31 -10.68 0.61
N THR B 161 -28.83 -11.25 -0.50
CA THR B 161 -29.34 -12.51 -1.01
C THR B 161 -28.37 -13.67 -0.89
N GLY B 162 -27.08 -13.41 -0.70
CA GLY B 162 -26.10 -14.46 -0.70
C GLY B 162 -25.81 -15.06 -2.06
N GLU B 163 -26.38 -14.51 -3.13
CA GLU B 163 -26.16 -15.07 -4.46
C GLU B 163 -24.82 -14.64 -5.02
N GLU B 164 -24.26 -15.47 -5.89
CA GLU B 164 -23.01 -15.17 -6.57
C GLU B 164 -23.28 -14.37 -7.83
N GLU B 165 -22.45 -13.36 -8.06
CA GLU B 165 -22.59 -12.46 -9.20
C GLU B 165 -21.23 -12.31 -9.85
N LYS B 166 -21.17 -12.50 -11.16
CA LYS B 166 -19.94 -12.27 -11.90
C LYS B 166 -20.04 -10.94 -12.66
N VAL B 167 -18.98 -10.14 -12.59
CA VAL B 167 -18.91 -8.89 -13.32
C VAL B 167 -17.59 -8.83 -14.05
N TRP B 168 -17.59 -8.10 -15.16
CA TRP B 168 -16.39 -7.99 -15.98
C TRP B 168 -15.30 -7.22 -15.25
N THR B 169 -14.07 -7.74 -15.30
CA THR B 169 -12.90 -7.11 -14.70
C THR B 169 -11.72 -7.38 -15.63
N THR B 170 -11.41 -6.41 -16.50
CA THR B 170 -10.34 -6.59 -17.47
C THR B 170 -9.00 -6.75 -16.79
N PHE B 171 -8.77 -5.96 -15.76
CA PHE B 171 -7.49 -5.89 -15.06
C PHE B 171 -7.66 -6.31 -13.62
N GLY B 172 -6.53 -6.68 -13.00
CA GLY B 172 -6.52 -6.97 -11.59
C GLY B 172 -5.62 -8.11 -11.25
N LYS B 173 -4.62 -7.85 -10.40
CA LYS B 173 -3.69 -8.88 -9.98
C LYS B 173 -4.26 -9.74 -8.86
N THR B 174 -5.29 -9.28 -8.18
CA THR B 174 -5.99 -10.11 -7.20
C THR B 174 -7.25 -10.68 -7.83
N ASP B 175 -7.73 -11.77 -7.25
CA ASP B 175 -9.03 -12.33 -7.62
C ASP B 175 -9.83 -12.48 -6.34
N PRO B 176 -10.99 -11.82 -6.21
CA PRO B 176 -11.58 -10.91 -7.19
C PRO B 176 -10.75 -9.66 -7.39
N SER B 177 -10.93 -9.02 -8.53
CA SER B 177 -10.21 -7.80 -8.85
C SER B 177 -10.76 -6.61 -8.07
N GLU B 178 -9.88 -5.63 -7.82
CA GLU B 178 -10.27 -4.33 -7.31
C GLU B 178 -10.85 -3.42 -8.38
N GLN B 179 -10.66 -3.76 -9.65
CA GLN B 179 -10.99 -2.86 -10.76
C GLN B 179 -12.18 -3.42 -11.50
N ILE B 180 -13.34 -2.79 -11.29
CA ILE B 180 -14.59 -3.23 -11.88
C ILE B 180 -14.85 -2.42 -13.13
N ASP B 181 -15.07 -3.11 -14.25
CA ASP B 181 -15.29 -2.40 -15.51
C ASP B 181 -16.61 -1.65 -15.48
N LEU B 182 -16.60 -0.43 -16.00
CA LEU B 182 -17.79 0.37 -16.16
C LEU B 182 -18.47 0.06 -17.49
N ASP B 183 -19.80 0.03 -17.47
CA ASP B 183 -20.58 -0.19 -18.69
C ASP B 183 -20.86 1.18 -19.30
N VAL B 184 -20.12 1.53 -20.35
CA VAL B 184 -20.29 2.85 -20.96
C VAL B 184 -21.60 2.96 -21.71
N ASN B 185 -22.33 1.85 -21.86
CA ASN B 185 -23.69 1.94 -22.39
C ASN B 185 -24.67 2.49 -21.35
N SER B 186 -24.28 2.55 -20.08
CA SER B 186 -25.17 2.99 -19.02
C SER B 186 -25.21 4.50 -18.91
N HIS B 187 -26.42 5.07 -18.90
CA HIS B 187 -26.57 6.49 -18.67
C HIS B 187 -25.94 6.92 -17.34
N LEU B 188 -26.02 6.06 -16.32
CA LEU B 188 -25.44 6.40 -15.03
C LEU B 188 -23.92 6.49 -15.12
N VAL B 189 -23.30 5.63 -15.90
CA VAL B 189 -21.85 5.69 -16.07
C VAL B 189 -21.47 6.97 -16.80
N ARG B 190 -22.26 7.35 -17.80
CA ARG B 190 -21.95 8.58 -18.55
C ARG B 190 -22.12 9.80 -17.67
N GLU B 191 -23.12 9.82 -16.79
CA GLU B 191 -23.24 10.92 -15.83
C GLU B 191 -22.06 10.93 -14.87
N PHE B 192 -21.63 9.75 -14.42
CA PHE B 192 -20.46 9.65 -13.55
C PHE B 192 -19.23 10.23 -14.23
N LEU B 193 -19.00 9.87 -15.49
CA LEU B 193 -17.83 10.38 -16.20
C LEU B 193 -17.94 11.89 -16.41
N LEU B 194 -19.13 12.37 -16.76
CA LEU B 194 -19.32 13.82 -16.92
C LEU B 194 -18.99 14.55 -15.63
N GLU B 195 -19.38 13.98 -14.49
CA GLU B 195 -19.12 14.63 -13.20
C GLU B 195 -17.62 14.73 -12.93
N VAL B 196 -16.83 13.77 -13.43
CA VAL B 196 -15.38 13.88 -13.28
C VAL B 196 -14.85 15.02 -14.14
N PHE B 197 -15.32 15.12 -15.39
CA PHE B 197 -14.95 16.25 -16.24
C PHE B 197 -15.25 17.58 -15.54
N LYS B 198 -16.45 17.70 -14.97
CA LYS B 198 -16.81 18.94 -14.31
C LYS B 198 -15.88 19.22 -13.13
N THR B 199 -15.58 18.18 -12.34
CA THR B 199 -14.67 18.34 -11.21
C THR B 199 -13.27 18.76 -11.69
N PHE B 200 -12.71 18.04 -12.66
CA PHE B 200 -11.38 18.39 -13.17
C PHE B 200 -11.37 19.83 -13.65
N SER B 201 -12.35 20.21 -14.48
CA SER B 201 -12.40 21.56 -15.02
C SER B 201 -12.48 22.59 -13.89
N ASN B 202 -13.22 22.27 -12.84
CA ASN B 202 -13.38 23.20 -11.73
C ASN B 202 -12.04 23.57 -11.09
N PHE B 203 -11.07 22.66 -11.12
CA PHE B 203 -9.78 22.92 -10.49
C PHE B 203 -8.67 23.19 -11.50
N GLY B 204 -9.04 23.56 -12.73
CA GLY B 204 -8.08 24.05 -13.69
C GLY B 204 -7.44 23.00 -14.57
N VAL B 205 -7.88 21.74 -14.47
CA VAL B 205 -7.34 20.69 -15.32
C VAL B 205 -8.06 20.73 -16.66
N LYS B 206 -7.30 20.91 -17.75
CA LYS B 206 -7.84 21.03 -19.10
C LYS B 206 -7.38 19.92 -20.05
N ILE B 207 -6.49 19.03 -19.61
CA ILE B 207 -6.08 17.90 -20.44
C ILE B 207 -6.32 16.63 -19.62
N VAL B 208 -6.99 15.65 -20.23
CA VAL B 208 -7.37 14.44 -19.53
C VAL B 208 -6.96 13.22 -20.35
N ARG B 209 -6.21 12.31 -19.73
CA ARG B 209 -5.81 11.06 -20.34
C ARG B 209 -6.89 10.00 -20.11
N LEU B 210 -7.38 9.39 -21.19
CA LEU B 210 -8.35 8.30 -21.06
C LEU B 210 -7.59 6.99 -20.95
N ASP B 211 -7.47 6.48 -19.73
CA ASP B 211 -6.74 5.25 -19.46
C ASP B 211 -7.51 4.05 -20.02
N ALA B 212 -6.79 3.16 -20.72
CA ALA B 212 -7.33 1.87 -21.13
C ALA B 212 -8.63 2.02 -21.93
N VAL B 213 -8.76 3.11 -22.69
CA VAL B 213 -10.00 3.38 -23.40
C VAL B 213 -10.31 2.30 -24.42
N GLY B 214 -9.28 1.61 -24.94
CA GLY B 214 -9.51 0.57 -25.92
C GLY B 214 -10.35 -0.60 -25.41
N TYR B 215 -10.52 -0.72 -24.09
CA TYR B 215 -11.21 -1.87 -23.53
C TYR B 215 -12.70 -1.64 -23.27
N VAL B 216 -13.22 -0.44 -23.55
CA VAL B 216 -14.55 -0.10 -23.05
C VAL B 216 -15.67 -0.83 -23.78
N ILE B 217 -15.44 -1.28 -25.02
CA ILE B 217 -16.47 -2.00 -25.77
C ILE B 217 -16.19 -3.50 -25.68
N LYS B 218 -17.15 -4.24 -25.12
CA LYS B 218 -17.11 -5.70 -25.10
C LYS B 218 -18.09 -6.25 -26.13
N LYS B 219 -17.63 -7.18 -26.97
CA LYS B 219 -18.52 -7.82 -27.93
C LYS B 219 -18.09 -9.26 -28.13
N ILE B 220 -19.01 -10.19 -27.88
CA ILE B 220 -18.69 -11.60 -28.03
C ILE B 220 -18.32 -11.89 -29.47
N GLY B 221 -17.27 -12.69 -29.65
CA GLY B 221 -16.77 -13.02 -30.97
C GLY B 221 -15.65 -12.13 -31.45
N THR B 222 -15.35 -11.05 -30.74
CA THR B 222 -14.26 -10.15 -31.08
C THR B 222 -13.15 -10.21 -30.03
N SER B 223 -12.08 -9.47 -30.30
CA SER B 223 -11.00 -9.35 -29.33
C SER B 223 -11.41 -8.57 -28.09
N CYS B 224 -12.52 -7.84 -28.14
CA CYS B 224 -12.92 -6.93 -27.08
C CYS B 224 -11.87 -5.85 -26.82
N PHE B 225 -11.09 -5.52 -27.84
CA PHE B 225 -10.17 -4.39 -27.77
C PHE B 225 -10.36 -3.51 -28.99
N PHE B 226 -10.56 -2.22 -28.75
CA PHE B 226 -10.86 -1.22 -29.78
C PHE B 226 -11.82 -1.79 -30.81
N VAL B 227 -12.98 -2.22 -30.31
CA VAL B 227 -13.99 -2.81 -31.16
C VAL B 227 -14.67 -1.70 -31.95
N GLU B 228 -14.50 -1.74 -33.29
CA GLU B 228 -15.05 -0.79 -34.23
C GLU B 228 -16.34 -1.31 -34.84
N PRO B 229 -17.32 -0.43 -35.15
CA PRO B 229 -17.26 1.03 -35.02
C PRO B 229 -17.72 1.55 -33.66
N GLU B 230 -18.17 0.66 -32.77
CA GLU B 230 -18.76 1.07 -31.51
C GLU B 230 -17.83 1.98 -30.70
N ILE B 231 -16.52 1.68 -30.70
CA ILE B 231 -15.60 2.47 -29.89
C ILE B 231 -15.65 3.94 -30.28
N TYR B 232 -15.85 4.23 -31.56
CA TYR B 232 -15.86 5.63 -32.00
C TYR B 232 -17.10 6.37 -31.54
N GLU B 233 -18.22 5.67 -31.34
CA GLU B 233 -19.40 6.34 -30.80
C GLU B 233 -19.14 6.81 -29.38
N PHE B 234 -18.45 6.00 -28.58
CA PHE B 234 -18.08 6.45 -27.25
C PHE B 234 -17.03 7.56 -27.31
N LEU B 235 -16.00 7.38 -28.14
CA LEU B 235 -14.96 8.40 -28.24
C LEU B 235 -15.54 9.74 -28.66
N ASP B 236 -16.42 9.74 -29.68
CA ASP B 236 -17.02 10.98 -30.13
C ASP B 236 -17.88 11.60 -29.03
N TRP B 237 -18.66 10.77 -28.32
CA TRP B 237 -19.41 11.27 -27.19
C TRP B 237 -18.48 11.90 -26.16
N ALA B 238 -17.40 11.19 -25.80
CA ALA B 238 -16.51 11.68 -24.75
C ALA B 238 -15.83 12.97 -25.17
N LYS B 239 -15.41 13.06 -26.44
CA LYS B 239 -14.75 14.26 -26.93
C LYS B 239 -15.65 15.48 -26.82
N GLY B 240 -16.93 15.34 -27.19
CA GLY B 240 -17.83 16.46 -27.13
C GLY B 240 -18.14 16.87 -25.71
N GLN B 241 -18.36 15.92 -24.82
CA GLN B 241 -18.65 16.25 -23.43
C GLN B 241 -17.47 16.92 -22.75
N ALA B 242 -16.26 16.37 -22.95
CA ALA B 242 -15.09 16.99 -22.36
C ALA B 242 -14.89 18.41 -22.88
N ALA B 243 -15.11 18.61 -24.18
CA ALA B 243 -14.94 19.94 -24.76
C ALA B 243 -15.92 20.94 -24.14
N SER B 244 -17.09 20.47 -23.70
CA SER B 244 -18.05 21.37 -23.07
C SER B 244 -17.47 22.00 -21.81
N TYR B 245 -16.53 21.33 -21.16
CA TYR B 245 -15.85 21.85 -19.98
C TYR B 245 -14.45 22.38 -20.31
N GLY B 246 -14.14 22.55 -21.60
CA GLY B 246 -12.84 23.04 -21.97
C GLY B 246 -11.73 22.04 -21.89
N ILE B 247 -12.04 20.74 -21.93
CA ILE B 247 -11.06 19.68 -21.72
C ILE B 247 -10.79 19.01 -23.07
N GLU B 248 -9.50 18.84 -23.37
CA GLU B 248 -9.07 18.02 -24.50
C GLU B 248 -8.65 16.65 -24.00
N LEU B 249 -8.93 15.64 -24.82
CA LEU B 249 -8.68 14.25 -24.45
C LEU B 249 -7.37 13.77 -25.06
N LEU B 250 -6.62 13.02 -24.27
CA LEU B 250 -5.40 12.35 -24.73
C LEU B 250 -5.66 10.87 -24.60
N LEU B 251 -5.75 10.18 -25.74
CA LEU B 251 -6.13 8.78 -25.74
C LEU B 251 -4.89 7.91 -25.59
N GLU B 252 -4.95 6.93 -24.68
CA GLU B 252 -3.91 5.92 -24.53
C GLU B 252 -4.40 4.63 -25.19
N VAL B 253 -3.84 4.30 -26.35
CA VAL B 253 -4.25 3.14 -27.13
C VAL B 253 -3.00 2.42 -27.59
N HIS B 254 -2.80 1.19 -27.10
CA HIS B 254 -1.74 0.32 -27.60
C HIS B 254 -2.34 -0.57 -28.68
N SER B 255 -2.10 -0.21 -29.94
CA SER B 255 -2.67 -0.92 -31.08
C SER B 255 -1.69 -0.88 -32.23
N GLN B 256 -2.05 -1.55 -33.32
CA GLN B 256 -1.32 -1.38 -34.57
C GLN B 256 -1.45 0.07 -35.03
N PHE B 257 -0.44 0.54 -35.77
CA PHE B 257 -0.30 1.98 -35.96
C PHE B 257 -1.46 2.58 -36.75
N GLU B 258 -2.10 1.80 -37.63
CA GLU B 258 -3.20 2.36 -38.42
C GLU B 258 -4.34 2.85 -37.51
N VAL B 259 -4.57 2.18 -36.38
CA VAL B 259 -5.61 2.64 -35.46
C VAL B 259 -5.22 3.99 -34.85
N GLN B 260 -3.98 4.10 -34.39
CA GLN B 260 -3.47 5.37 -33.86
C GLN B 260 -3.54 6.47 -34.91
N TYR B 261 -3.12 6.17 -36.14
CA TYR B 261 -3.09 7.20 -37.17
C TYR B 261 -4.50 7.69 -37.49
N LYS B 262 -5.48 6.78 -37.52
CA LYS B 262 -6.85 7.18 -37.79
C LYS B 262 -7.40 8.03 -36.65
N LEU B 263 -7.06 7.68 -35.39
CA LEU B 263 -7.47 8.53 -34.27
C LEU B 263 -6.92 9.94 -34.45
N ALA B 264 -5.63 10.06 -34.74
CA ALA B 264 -5.04 11.38 -34.97
C ALA B 264 -5.72 12.10 -36.14
N GLU B 265 -6.00 11.37 -37.22
CA GLU B 265 -6.68 11.98 -38.36
C GLU B 265 -8.05 12.51 -37.99
N ARG B 266 -8.74 11.84 -37.07
CA ARG B 266 -10.06 12.26 -36.63
C ARG B 266 -9.99 13.30 -35.51
N GLY B 267 -8.82 13.83 -35.23
CA GLY B 267 -8.70 14.96 -34.33
C GLY B 267 -8.48 14.59 -32.87
N PHE B 268 -8.11 13.35 -32.58
CA PHE B 268 -7.81 12.93 -31.22
C PHE B 268 -6.30 13.01 -30.98
N LEU B 269 -5.92 13.55 -29.83
CA LEU B 269 -4.53 13.49 -29.41
C LEU B 269 -4.16 12.07 -29.00
N ILE B 270 -2.99 11.61 -29.42
CA ILE B 270 -2.51 10.27 -29.13
C ILE B 270 -1.10 10.35 -28.58
N TYR B 271 -0.64 9.23 -28.02
CA TYR B 271 0.73 9.05 -27.60
C TYR B 271 1.54 8.44 -28.72
N ASP B 272 2.79 8.89 -28.84
CA ASP B 272 3.69 8.26 -29.80
C ASP B 272 4.30 7.02 -29.14
N PHE B 273 3.65 5.88 -29.34
CA PHE B 273 4.10 4.61 -28.77
C PHE B 273 5.04 3.84 -29.69
N ILE B 274 5.40 4.41 -30.85
CA ILE B 274 6.36 3.81 -31.77
C ILE B 274 7.75 4.35 -31.57
N LEU B 275 7.84 5.62 -31.20
CA LEU B 275 9.15 6.25 -31.04
C LEU B 275 10.01 5.60 -29.97
N PRO B 276 9.49 5.19 -28.81
CA PRO B 276 10.39 4.65 -27.77
C PRO B 276 11.22 3.46 -28.27
N PHE B 277 10.57 2.46 -28.85
CA PHE B 277 11.31 1.34 -29.40
C PHE B 277 12.17 1.75 -30.59
N THR B 278 11.62 2.61 -31.46
CA THR B 278 12.34 3.02 -32.66
C THR B 278 13.66 3.69 -32.30
N VAL B 279 13.65 4.55 -31.27
CA VAL B 279 14.87 5.20 -30.84
C VAL B 279 15.85 4.19 -30.24
N LEU B 280 15.34 3.23 -29.46
CA LEU B 280 16.22 2.19 -28.94
C LEU B 280 16.92 1.43 -30.07
N TYR B 281 16.13 0.99 -31.05
CA TYR B 281 16.69 0.24 -32.17
C TYR B 281 17.72 1.08 -32.92
N THR B 282 17.40 2.35 -33.14
CA THR B 282 18.30 3.26 -33.84
C THR B 282 19.67 3.33 -33.15
N LEU B 283 19.66 3.47 -31.83
CA LEU B 283 20.93 3.66 -31.12
C LEU B 283 21.68 2.34 -30.95
N ILE B 284 20.96 1.26 -30.68
CA ILE B 284 21.61 -0.03 -30.50
C ILE B 284 22.27 -0.50 -31.79
N ASN B 285 21.60 -0.30 -32.92
CA ASN B 285 22.08 -0.79 -34.20
C ASN B 285 22.80 0.27 -35.01
N LYS B 286 22.90 1.50 -34.50
CA LYS B 286 23.64 2.56 -35.17
C LYS B 286 23.16 2.76 -36.61
N SER B 287 21.84 2.77 -36.79
CA SER B 287 21.24 2.91 -38.11
C SER B 287 20.00 3.79 -38.01
N ASN B 288 19.86 4.73 -38.94
CA ASN B 288 18.73 5.66 -38.93
C ASN B 288 17.53 5.19 -39.73
N GLU B 289 17.57 3.99 -40.34
CA GLU B 289 16.57 3.68 -41.37
C GLU B 289 15.16 3.57 -40.81
N MET B 290 15.00 2.89 -39.68
CA MET B 290 13.67 2.78 -39.08
C MET B 290 13.16 4.14 -38.62
N LEU B 291 14.03 4.92 -37.98
CA LEU B 291 13.64 6.24 -37.52
C LEU B 291 13.23 7.13 -38.70
N TYR B 292 14.04 7.15 -39.75
CA TYR B 292 13.74 8.01 -40.88
C TYR B 292 12.44 7.60 -41.56
N HIS B 293 12.19 6.30 -41.73
CA HIS B 293 10.93 5.91 -42.34
C HIS B 293 9.74 6.34 -41.48
N TYR B 294 9.89 6.26 -40.15
CA TYR B 294 8.80 6.65 -39.27
C TYR B 294 8.59 8.16 -39.30
N LEU B 295 9.66 8.94 -39.19
CA LEU B 295 9.52 10.40 -39.18
C LEU B 295 8.89 10.90 -40.47
N LYS B 296 9.10 10.22 -41.59
CA LYS B 296 8.55 10.65 -42.86
C LYS B 296 7.09 10.25 -43.05
N ASN B 297 6.54 9.42 -42.16
CA ASN B 297 5.20 8.87 -42.32
C ASN B 297 4.51 8.75 -40.96
N ARG B 298 4.23 9.88 -40.31
CA ARG B 298 3.58 9.86 -39.00
C ARG B 298 2.84 11.16 -38.77
N PRO B 299 1.72 11.13 -38.04
CA PRO B 299 1.06 12.38 -37.68
C PRO B 299 1.84 13.18 -36.65
N ILE B 300 1.61 14.50 -36.66
CA ILE B 300 2.35 15.38 -35.77
C ILE B 300 1.65 15.67 -34.44
N ASN B 301 0.35 15.40 -34.34
CA ASN B 301 -0.39 15.72 -33.11
C ASN B 301 -0.29 14.57 -32.13
N GLN B 302 0.93 14.36 -31.64
CA GLN B 302 1.21 13.31 -30.68
C GLN B 302 1.99 13.87 -29.51
N PHE B 303 1.84 13.21 -28.36
CA PHE B 303 2.73 13.41 -27.22
C PHE B 303 3.87 12.40 -27.33
N THR B 304 5.09 12.90 -27.42
CA THR B 304 6.22 12.01 -27.59
C THR B 304 6.82 11.66 -26.23
N MET B 305 7.50 10.52 -26.20
CA MET B 305 8.13 10.05 -24.97
C MET B 305 9.22 9.07 -25.34
N LEU B 306 10.14 8.86 -24.40
CA LEU B 306 10.96 7.66 -24.41
C LEU B 306 10.43 6.70 -23.36
N ASP B 307 10.48 7.10 -22.09
CA ASP B 307 9.90 6.34 -20.99
C ASP B 307 8.58 6.97 -20.54
N CYS B 308 7.77 6.13 -19.88
CA CYS B 308 6.56 6.55 -19.18
C CYS B 308 6.40 5.61 -17.99
N HIS B 309 5.21 5.62 -17.37
CA HIS B 309 5.01 4.80 -16.18
C HIS B 309 4.81 3.33 -16.50
N ASP B 310 4.53 2.97 -17.76
CA ASP B 310 4.47 1.60 -18.21
C ASP B 310 5.81 1.22 -18.86
N GLY B 311 5.83 0.07 -19.57
CA GLY B 311 7.03 -0.36 -20.26
C GLY B 311 7.13 0.17 -21.70
N ILE B 312 8.26 -0.12 -22.33
CA ILE B 312 8.51 0.29 -23.71
C ILE B 312 7.69 -0.58 -24.66
N PRO B 313 6.79 0.00 -25.45
CA PRO B 313 5.90 -0.85 -26.26
C PRO B 313 6.63 -1.62 -27.35
N VAL B 314 6.17 -2.85 -27.57
CA VAL B 314 6.65 -3.66 -28.68
C VAL B 314 5.45 -4.09 -29.51
N LYS B 315 4.70 -5.11 -29.03
CA LYS B 315 3.47 -5.55 -29.69
C LYS B 315 2.26 -5.09 -28.90
N PRO B 316 1.18 -4.64 -29.56
CA PRO B 316 0.96 -4.60 -31.01
C PRO B 316 1.48 -3.33 -31.67
N ASP B 317 2.05 -2.43 -30.85
CA ASP B 317 2.32 -1.07 -31.28
C ASP B 317 3.22 -1.03 -32.51
N LEU B 318 4.19 -1.93 -32.61
CA LEU B 318 5.13 -1.95 -33.72
C LEU B 318 4.81 -3.02 -34.76
N ASP B 319 3.64 -3.65 -34.67
CA ASP B 319 3.26 -4.67 -35.64
C ASP B 319 3.34 -4.09 -37.05
N GLY B 320 3.99 -4.83 -37.95
CA GLY B 320 4.12 -4.42 -39.34
C GLY B 320 5.20 -3.41 -39.61
N LEU B 321 5.90 -2.92 -38.59
CA LEU B 321 6.96 -1.94 -38.76
C LEU B 321 8.35 -2.52 -38.55
N ILE B 322 8.47 -3.67 -37.89
CA ILE B 322 9.74 -4.37 -37.75
C ILE B 322 9.45 -5.87 -37.72
N ASP B 323 10.41 -6.66 -38.19
CA ASP B 323 10.22 -8.10 -38.15
C ASP B 323 10.62 -8.67 -36.80
N THR B 324 10.22 -9.91 -36.56
CA THR B 324 10.48 -10.54 -35.27
C THR B 324 11.96 -10.60 -34.96
N LYS B 325 12.78 -10.90 -35.98
CA LYS B 325 14.23 -10.97 -35.79
C LYS B 325 14.75 -9.72 -35.09
N LYS B 326 14.41 -8.55 -35.63
CA LYS B 326 14.97 -7.30 -35.11
C LYS B 326 14.33 -6.91 -33.78
N ALA B 327 13.02 -7.14 -33.64
CA ALA B 327 12.36 -6.89 -32.35
C ALA B 327 12.96 -7.76 -31.26
N LYS B 328 13.14 -9.05 -31.53
CA LYS B 328 13.66 -9.94 -30.51
C LYS B 328 15.09 -9.56 -30.14
N GLU B 329 15.86 -9.05 -31.12
CA GLU B 329 17.20 -8.57 -30.82
C GLU B 329 17.17 -7.51 -29.71
N VAL B 330 16.34 -6.48 -29.89
CA VAL B 330 16.28 -5.39 -28.92
C VAL B 330 15.76 -5.89 -27.58
N VAL B 331 14.74 -6.75 -27.61
CA VAL B 331 14.20 -7.31 -26.36
C VAL B 331 15.29 -8.05 -25.61
N ASP B 332 16.04 -8.91 -26.30
CA ASP B 332 17.07 -9.71 -25.64
C ASP B 332 18.13 -8.82 -25.01
N ILE B 333 18.52 -7.75 -25.69
CA ILE B 333 19.50 -6.82 -25.15
C ILE B 333 18.97 -6.14 -23.90
N CYS B 334 17.69 -5.75 -23.92
CA CYS B 334 17.09 -5.13 -22.74
C CYS B 334 17.05 -6.12 -21.58
N VAL B 335 16.73 -7.39 -21.86
CA VAL B 335 16.73 -8.39 -20.80
C VAL B 335 18.13 -8.57 -20.25
N GLN B 336 19.13 -8.54 -21.13
CA GLN B 336 20.53 -8.62 -20.68
C GLN B 336 20.85 -7.48 -19.72
N ARG B 337 20.13 -6.37 -19.85
CA ARG B 337 20.32 -5.17 -19.04
C ARG B 337 19.34 -5.07 -17.87
N GLY B 338 18.65 -6.17 -17.53
CA GLY B 338 17.84 -6.22 -16.34
C GLY B 338 16.34 -6.14 -16.56
N ALA B 339 15.88 -5.96 -17.79
CA ALA B 339 14.46 -5.78 -18.03
C ALA B 339 13.69 -7.06 -17.71
N ASN B 340 12.42 -6.88 -17.35
CA ASN B 340 11.43 -7.95 -17.40
C ASN B 340 10.38 -7.56 -18.41
N LEU B 341 9.56 -8.53 -18.81
CA LEU B 341 8.70 -8.39 -19.99
C LEU B 341 7.24 -8.59 -19.64
N SER B 342 6.40 -7.72 -20.18
CA SER B 342 4.96 -7.93 -20.20
C SER B 342 4.61 -8.61 -21.51
N LEU B 343 3.82 -9.67 -21.44
CA LEU B 343 3.58 -10.52 -22.60
C LEU B 343 2.20 -10.34 -23.21
N ILE B 344 2.13 -10.64 -24.50
CA ILE B 344 0.86 -10.82 -25.21
C ILE B 344 0.33 -12.20 -24.88
N TYR B 345 -0.99 -12.32 -24.77
CA TYR B 345 -1.62 -13.58 -24.40
C TYR B 345 -2.59 -13.97 -25.49
N GLY B 346 -2.55 -15.24 -25.88
CA GLY B 346 -3.39 -15.73 -26.96
C GLY B 346 -2.63 -15.79 -28.27
N ASP B 347 -2.61 -16.97 -28.89
CA ASP B 347 -1.84 -17.16 -30.11
C ASP B 347 -2.31 -16.23 -31.23
N LYS B 348 -3.60 -15.86 -31.23
CA LYS B 348 -4.13 -14.99 -32.27
C LYS B 348 -3.44 -13.63 -32.29
N TYR B 349 -2.83 -13.22 -31.18
CA TYR B 349 -2.22 -11.90 -31.06
C TYR B 349 -0.70 -11.94 -31.05
N LYS B 350 -0.11 -13.13 -31.02
CA LYS B 350 1.33 -13.26 -31.15
C LYS B 350 1.73 -13.18 -32.62
N SER B 351 3.03 -12.97 -32.86
CA SER B 351 3.55 -13.08 -34.21
C SER B 351 3.39 -14.52 -34.71
N GLU B 352 3.56 -14.70 -36.01
CA GLU B 352 3.43 -16.04 -36.59
C GLU B 352 4.39 -17.03 -35.94
N ASP B 353 5.55 -16.55 -35.46
CA ASP B 353 6.55 -17.41 -34.86
C ASP B 353 6.50 -17.38 -33.33
N GLY B 354 5.37 -16.99 -32.75
CA GLY B 354 5.19 -17.01 -31.32
C GLY B 354 5.79 -15.85 -30.55
N PHE B 355 6.33 -14.84 -31.23
CA PHE B 355 6.82 -13.65 -30.54
C PHE B 355 5.66 -12.96 -29.84
N ASP B 356 5.81 -12.75 -28.52
CA ASP B 356 4.68 -12.35 -27.69
C ASP B 356 5.05 -11.29 -26.66
N VAL B 357 5.95 -10.37 -27.00
CA VAL B 357 6.34 -9.31 -26.07
C VAL B 357 5.45 -8.10 -26.25
N HIS B 358 4.74 -7.72 -25.19
CA HIS B 358 3.88 -6.55 -25.18
C HIS B 358 4.67 -5.29 -24.85
N GLN B 359 5.44 -5.31 -23.76
CA GLN B 359 6.23 -4.17 -23.34
C GLN B 359 7.50 -4.64 -22.64
N ILE B 360 8.54 -3.82 -22.77
CA ILE B 360 9.81 -4.04 -22.09
C ILE B 360 9.82 -3.18 -20.84
N ASN B 361 9.81 -3.82 -19.67
CA ASN B 361 9.82 -3.08 -18.40
C ASN B 361 11.27 -2.85 -17.98
N CYS B 362 11.72 -1.61 -18.08
CA CYS B 362 13.12 -1.25 -17.95
C CYS B 362 13.18 0.27 -17.97
N THR B 363 14.00 0.86 -17.11
CA THR B 363 14.20 2.30 -17.24
C THR B 363 14.93 2.55 -18.56
N TYR B 364 14.63 3.68 -19.19
CA TYR B 364 15.18 3.95 -20.51
C TYR B 364 16.69 4.10 -20.44
N TYR B 365 17.18 4.73 -19.36
CA TYR B 365 18.62 4.87 -19.15
C TYR B 365 19.28 3.50 -19.01
N SER B 366 18.68 2.60 -18.23
CA SER B 366 19.20 1.23 -18.13
C SER B 366 19.11 0.50 -19.46
N ALA B 367 18.05 0.75 -20.23
CA ALA B 367 17.89 0.08 -21.52
C ALA B 367 19.02 0.43 -22.47
N LEU B 368 19.57 1.63 -22.32
CA LEU B 368 20.73 2.06 -23.09
C LEU B 368 22.04 1.73 -22.41
N ASN B 369 22.02 0.83 -21.43
CA ASN B 369 23.24 0.42 -20.73
C ASN B 369 23.90 1.58 -20.00
N CYS B 370 23.10 2.56 -19.58
CA CYS B 370 23.60 3.72 -18.84
C CYS B 370 24.62 4.52 -19.66
N ASP B 371 24.47 4.49 -20.98
CA ASP B 371 25.36 5.21 -21.89
C ASP B 371 24.91 6.67 -21.96
N ASP B 372 25.60 7.55 -21.23
CA ASP B 372 25.17 8.94 -21.14
C ASP B 372 25.00 9.58 -22.52
N ASP B 373 26.00 9.38 -23.40
CA ASP B 373 25.94 10.02 -24.71
C ASP B 373 24.78 9.48 -25.54
N ALA B 374 24.56 8.16 -25.50
CA ALA B 374 23.42 7.59 -26.24
C ALA B 374 22.11 8.09 -25.67
N TYR B 375 22.04 8.28 -24.35
CA TYR B 375 20.80 8.73 -23.73
C TYR B 375 20.48 10.17 -24.12
N LEU B 376 21.49 11.05 -24.13
CA LEU B 376 21.26 12.41 -24.59
C LEU B 376 20.87 12.44 -26.06
N ALA B 377 21.48 11.56 -26.87
CA ALA B 377 21.08 11.44 -28.27
C ALA B 377 19.62 11.01 -28.37
N ALA B 378 19.20 10.07 -27.53
CA ALA B 378 17.80 9.65 -27.53
C ALA B 378 16.87 10.83 -27.27
N ARG B 379 17.19 11.63 -26.25
CA ARG B 379 16.33 12.75 -25.90
C ARG B 379 16.34 13.81 -26.98
N ALA B 380 17.51 14.05 -27.59
CA ALA B 380 17.58 15.00 -28.70
C ALA B 380 16.68 14.55 -29.85
N ILE B 381 16.75 13.27 -30.23
CA ILE B 381 15.85 12.76 -31.25
C ILE B 381 14.41 13.02 -30.84
N GLN B 382 14.06 12.65 -29.61
CA GLN B 382 12.70 12.85 -29.13
C GLN B 382 12.27 14.30 -29.26
N PHE B 383 13.12 15.23 -28.81
CA PHE B 383 12.72 16.63 -28.78
C PHE B 383 12.67 17.24 -30.17
N PHE B 384 13.41 16.70 -31.13
CA PHE B 384 13.32 17.18 -32.51
C PHE B 384 12.20 16.52 -33.30
N THR B 385 11.57 15.51 -32.75
CA THR B 385 10.44 14.87 -33.42
C THR B 385 9.20 15.72 -33.22
N PRO B 386 8.43 16.02 -34.27
CA PRO B 386 7.21 16.80 -34.09
C PRO B 386 6.29 16.16 -33.06
N GLY B 387 5.72 17.00 -32.21
CA GLY B 387 4.88 16.55 -31.11
C GLY B 387 5.27 17.24 -29.81
N ILE B 388 4.40 17.05 -28.81
CA ILE B 388 4.61 17.60 -27.48
C ILE B 388 5.49 16.61 -26.70
N PRO B 389 6.69 17.01 -26.27
CA PRO B 389 7.57 16.04 -25.59
C PRO B 389 7.25 15.92 -24.10
N GLN B 390 7.21 14.67 -23.65
CA GLN B 390 7.07 14.35 -22.24
C GLN B 390 8.31 13.62 -21.76
N VAL B 391 8.75 13.97 -20.55
CA VAL B 391 9.87 13.34 -19.89
C VAL B 391 9.36 12.72 -18.59
N TYR B 392 9.51 11.41 -18.48
CA TYR B 392 9.14 10.69 -17.26
C TYR B 392 10.16 10.95 -16.15
N TYR B 393 9.68 11.03 -14.91
CA TYR B 393 10.55 11.49 -13.83
C TYR B 393 11.76 10.59 -13.62
N VAL B 394 11.63 9.27 -13.83
CA VAL B 394 12.79 8.39 -13.65
C VAL B 394 13.88 8.75 -14.66
N GLY B 395 13.50 8.93 -15.92
CA GLY B 395 14.48 9.30 -16.94
C GLY B 395 15.03 10.70 -16.76
N LEU B 396 14.24 11.61 -16.20
CA LEU B 396 14.73 12.94 -15.87
C LEU B 396 15.97 12.86 -14.99
N LEU B 397 15.98 11.91 -14.05
CA LEU B 397 17.07 11.75 -13.11
C LEU B 397 18.03 10.64 -13.51
N ALA B 398 17.96 10.18 -14.75
CA ALA B 398 18.80 9.09 -15.25
C ALA B 398 18.73 7.88 -14.31
N GLY B 399 17.51 7.51 -13.94
CA GLY B 399 17.33 6.42 -13.00
C GLY B 399 17.62 5.07 -13.62
N VAL B 400 18.19 4.18 -12.82
CA VAL B 400 18.48 2.82 -13.24
C VAL B 400 17.42 1.89 -12.68
N ASN B 401 17.38 0.67 -13.21
CA ASN B 401 16.39 -0.33 -12.81
C ASN B 401 16.33 -0.52 -11.29
N ASP B 402 15.11 -0.47 -10.77
CA ASP B 402 14.88 -0.64 -9.33
C ASP B 402 14.52 -2.11 -9.09
N PHE B 403 15.55 -2.94 -8.98
CA PHE B 403 15.34 -4.37 -8.77
C PHE B 403 14.76 -4.66 -7.39
N GLU B 404 15.10 -3.85 -6.39
CA GLU B 404 14.56 -4.07 -5.05
C GLU B 404 13.04 -3.91 -5.05
N ALA B 405 12.54 -2.89 -5.75
CA ALA B 405 11.10 -2.66 -5.78
C ALA B 405 10.36 -3.81 -6.45
N VAL B 406 10.96 -4.42 -7.47
CA VAL B 406 10.35 -5.57 -8.12
C VAL B 406 10.30 -6.74 -7.15
N LYS B 407 11.41 -7.01 -6.47
CA LYS B 407 11.45 -8.14 -5.54
C LYS B 407 10.45 -7.95 -4.40
N LYS B 408 10.33 -6.72 -3.88
CA LYS B 408 9.46 -6.50 -2.73
C LYS B 408 7.99 -6.53 -3.13
N THR B 409 7.63 -5.89 -4.24
CA THR B 409 6.24 -5.77 -4.65
C THR B 409 5.78 -6.89 -5.57
N LYS B 410 6.71 -7.66 -6.15
CA LYS B 410 6.39 -8.68 -7.14
C LYS B 410 5.73 -8.09 -8.39
N GLU B 411 5.92 -6.80 -8.64
CA GLU B 411 5.35 -6.12 -9.80
C GLU B 411 6.49 -5.74 -10.73
N GLY B 412 6.54 -6.36 -11.90
CA GLY B 412 7.64 -6.11 -12.82
C GLY B 412 7.74 -4.65 -13.24
N ARG B 413 6.60 -3.97 -13.36
CA ARG B 413 6.61 -2.58 -13.81
C ARG B 413 7.20 -1.64 -12.77
N GLU B 414 7.32 -2.08 -11.52
CA GLU B 414 7.93 -1.26 -10.48
C GLU B 414 9.43 -1.04 -10.72
N ILE B 415 10.02 -1.80 -11.66
CA ILE B 415 11.42 -1.57 -12.01
C ILE B 415 11.65 -0.14 -12.42
N ASN B 416 10.60 0.52 -12.94
CA ASN B 416 10.67 1.85 -13.52
C ASN B 416 9.77 2.84 -12.77
N ARG B 417 9.52 2.58 -11.48
CA ARG B 417 8.66 3.42 -10.66
C ARG B 417 9.30 3.71 -9.29
N HIS B 418 10.62 3.82 -9.25
CA HIS B 418 11.32 4.15 -8.01
C HIS B 418 10.74 5.43 -7.39
N ASN B 419 10.65 5.46 -6.07
CA ASN B 419 10.26 6.67 -5.36
C ASN B 419 11.51 7.38 -4.84
N TYR B 420 11.70 8.62 -5.27
CA TYR B 420 12.86 9.40 -4.87
C TYR B 420 12.58 10.22 -3.62
N GLY B 421 13.46 10.10 -2.64
CA GLY B 421 13.53 11.07 -1.56
C GLY B 421 14.30 12.30 -1.97
N LEU B 422 14.20 13.34 -1.14
CA LEU B 422 14.88 14.61 -1.43
C LEU B 422 16.39 14.44 -1.55
N LYS B 423 17.00 13.65 -0.66
CA LYS B 423 18.45 13.48 -0.70
C LYS B 423 18.89 12.86 -2.03
N GLU B 424 18.13 11.90 -2.53
CA GLU B 424 18.51 11.29 -3.80
C GLU B 424 18.31 12.25 -4.96
N ILE B 425 17.25 13.06 -4.92
CA ILE B 425 17.05 14.07 -5.95
C ILE B 425 18.21 15.05 -5.95
N GLU B 426 18.59 15.55 -4.76
CA GLU B 426 19.71 16.49 -4.66
C GLU B 426 20.98 15.91 -5.27
N GLU B 427 21.24 14.62 -5.04
CA GLU B 427 22.39 13.96 -5.65
C GLU B 427 22.21 13.83 -7.15
N SER B 428 21.02 13.37 -7.58
CA SER B 428 20.81 13.05 -8.98
C SER B 428 20.89 14.28 -9.88
N VAL B 429 20.40 15.42 -9.41
CA VAL B 429 20.42 16.60 -10.27
C VAL B 429 21.84 17.07 -10.52
N GLN B 430 22.81 16.64 -9.71
CA GLN B 430 24.21 17.01 -9.93
C GLN B 430 24.92 16.12 -10.92
N LYS B 431 24.30 15.00 -11.31
CA LYS B 431 24.92 14.12 -12.28
C LYS B 431 25.10 14.85 -13.61
N ASN B 432 26.25 14.63 -14.22
CA ASN B 432 26.54 15.33 -15.49
C ASN B 432 25.46 15.03 -16.52
N VAL B 433 25.01 13.78 -16.61
CA VAL B 433 24.03 13.43 -17.62
C VAL B 433 22.72 14.18 -17.38
N VAL B 434 22.36 14.38 -16.11
CA VAL B 434 21.12 15.10 -15.80
C VAL B 434 21.25 16.58 -16.11
N GLN B 435 22.40 17.18 -15.76
CA GLN B 435 22.60 18.59 -16.11
C GLN B 435 22.61 18.78 -17.62
N ARG B 436 23.18 17.83 -18.37
CA ARG B 436 23.11 17.91 -19.83
C ARG B 436 21.67 17.84 -20.31
N LEU B 437 20.86 16.96 -19.72
CA LEU B 437 19.46 16.84 -20.12
C LEU B 437 18.68 18.11 -19.82
N LEU B 438 18.94 18.74 -18.66
CA LEU B 438 18.23 19.95 -18.32
C LEU B 438 18.57 21.07 -19.29
N LYS B 439 19.83 21.16 -19.70
CA LYS B 439 20.22 22.15 -20.69
C LYS B 439 19.48 21.93 -22.00
N LEU B 440 19.38 20.66 -22.43
CA LEU B 440 18.67 20.33 -23.66
C LEU B 440 17.19 20.64 -23.56
N ILE B 441 16.56 20.31 -22.42
CA ILE B 441 15.14 20.64 -22.26
C ILE B 441 14.93 22.13 -22.40
N ARG B 442 15.76 22.93 -21.70
CA ARG B 442 15.59 24.37 -21.72
C ARG B 442 15.73 24.92 -23.14
N PHE B 443 16.65 24.35 -23.92
CA PHE B 443 16.76 24.75 -25.32
C PHE B 443 15.48 24.39 -26.07
N ARG B 444 14.95 23.19 -25.85
CA ARG B 444 13.72 22.78 -26.54
C ARG B 444 12.55 23.67 -26.15
N ASN B 445 12.54 24.20 -24.93
CA ASN B 445 11.44 25.07 -24.51
C ASN B 445 11.59 26.49 -25.04
N GLU B 446 12.82 26.94 -25.26
CA GLU B 446 13.08 28.35 -25.50
C GLU B 446 13.32 28.68 -26.96
N TYR B 447 13.93 27.80 -27.76
CA TYR B 447 14.31 28.17 -29.11
C TYR B 447 13.09 28.16 -30.04
N GLU B 448 12.89 29.26 -30.76
CA GLU B 448 11.63 29.49 -31.48
C GLU B 448 11.49 28.61 -32.72
N ALA B 449 12.58 28.04 -33.24
CA ALA B 449 12.49 27.26 -34.48
C ALA B 449 11.58 26.04 -34.33
N PHE B 450 11.47 25.49 -33.12
CA PHE B 450 10.63 24.30 -32.94
C PHE B 450 9.16 24.57 -33.24
N ASN B 451 8.75 25.82 -33.34
CA ASN B 451 7.39 26.17 -33.74
C ASN B 451 7.27 26.47 -35.23
N GLY B 452 8.25 26.03 -36.03
CA GLY B 452 8.24 26.28 -37.46
C GLY B 452 8.16 25.02 -38.28
N GLU B 453 9.00 24.92 -39.31
CA GLU B 453 8.98 23.81 -40.24
C GLU B 453 10.10 22.82 -39.93
N PHE B 454 9.79 21.53 -40.10
CA PHE B 454 10.67 20.41 -39.77
C PHE B 454 11.23 19.79 -41.05
N PHE B 455 12.51 19.48 -41.06
CA PHE B 455 13.17 18.91 -42.21
C PHE B 455 13.91 17.64 -41.81
N ILE B 456 13.62 16.55 -42.51
CA ILE B 456 14.34 15.29 -42.35
C ILE B 456 15.41 15.28 -43.44
N GLU B 457 16.68 15.33 -43.06
CA GLU B 457 17.75 15.58 -44.01
C GLU B 457 18.55 14.32 -44.33
N ASP B 458 18.91 14.20 -45.62
CA ASP B 458 19.72 13.09 -46.07
C ASP B 458 21.08 13.10 -45.38
N CYS B 459 21.61 11.91 -45.13
CA CYS B 459 22.88 11.74 -44.45
C CYS B 459 23.25 10.26 -44.52
N ARG B 460 24.40 9.92 -43.96
CA ARG B 460 24.81 8.52 -43.91
C ARG B 460 23.84 7.73 -43.04
N LYS B 461 23.75 6.42 -43.30
CA LYS B 461 22.84 5.58 -42.54
C LYS B 461 23.18 5.58 -41.05
N ASP B 462 24.46 5.76 -40.69
CA ASP B 462 24.83 5.84 -39.29
C ASP B 462 24.89 7.27 -38.77
N GLU B 463 24.09 8.17 -39.36
CA GLU B 463 23.97 9.55 -38.91
C GLU B 463 22.49 9.93 -38.82
N ILE B 464 22.23 11.03 -38.12
CA ILE B 464 20.90 11.64 -38.06
C ILE B 464 21.08 13.14 -38.26
N ARG B 465 20.27 13.71 -39.16
CA ARG B 465 20.28 15.15 -39.44
C ARG B 465 18.84 15.64 -39.52
N LEU B 466 18.41 16.38 -38.50
CA LEU B 466 17.05 16.91 -38.41
C LEU B 466 17.13 18.41 -38.11
N THR B 467 16.30 19.19 -38.80
CA THR B 467 16.38 20.63 -38.69
C THR B 467 14.99 21.24 -38.55
N TRP B 468 14.91 22.26 -37.70
CA TRP B 468 13.74 23.12 -37.60
C TRP B 468 14.12 24.52 -38.04
N LYS B 469 13.21 25.18 -38.74
CA LYS B 469 13.39 26.56 -39.21
C LYS B 469 12.11 27.34 -38.95
N LYS B 470 12.27 28.55 -38.41
CA LYS B 470 11.17 29.51 -38.29
C LYS B 470 11.77 30.89 -38.50
N ASP B 471 11.35 31.57 -39.57
CA ASP B 471 11.81 32.94 -39.84
C ASP B 471 13.33 32.88 -39.96
N ASP B 472 14.08 33.69 -39.23
CA ASP B 472 15.54 33.68 -39.25
C ASP B 472 16.12 32.70 -38.24
N LYS B 473 15.29 31.97 -37.52
CA LYS B 473 15.76 31.00 -36.54
C LYS B 473 15.88 29.61 -37.17
N ARG B 474 16.91 28.89 -36.76
CA ARG B 474 17.16 27.54 -37.23
C ARG B 474 17.97 26.79 -36.19
N CYS B 475 17.60 25.54 -35.94
CA CYS B 475 18.41 24.65 -35.13
C CYS B 475 18.48 23.32 -35.84
N SER B 476 19.71 22.81 -36.00
CA SER B 476 19.98 21.62 -36.80
C SER B 476 20.66 20.60 -35.92
N LEU B 477 19.95 19.50 -35.66
CA LEU B 477 20.50 18.39 -34.91
C LEU B 477 21.38 17.53 -35.81
N PHE B 478 22.57 17.19 -35.34
CA PHE B 478 23.41 16.18 -35.96
C PHE B 478 23.82 15.16 -34.91
N ILE B 479 23.60 13.88 -35.20
CA ILE B 479 24.06 12.80 -34.34
C ILE B 479 24.93 11.86 -35.17
N ASP B 480 26.14 11.60 -34.68
CA ASP B 480 26.99 10.53 -35.17
C ASP B 480 26.68 9.27 -34.39
N LEU B 481 25.98 8.31 -35.02
CA LEU B 481 25.57 7.11 -34.31
C LEU B 481 26.74 6.19 -33.97
N LYS B 482 27.91 6.37 -34.58
CA LYS B 482 29.07 5.59 -34.17
C LYS B 482 29.50 5.96 -32.75
N THR B 483 29.51 7.26 -32.44
CA THR B 483 29.98 7.77 -31.16
C THR B 483 28.87 8.36 -30.30
N TYR B 484 27.67 8.51 -30.85
CA TYR B 484 26.56 9.23 -30.20
C TYR B 484 26.89 10.68 -29.94
N LYS B 485 27.92 11.22 -30.60
CA LYS B 485 28.16 12.65 -30.48
C LYS B 485 26.97 13.42 -31.05
N THR B 486 26.42 14.32 -30.23
CA THR B 486 25.19 15.02 -30.55
C THR B 486 25.43 16.53 -30.49
N THR B 487 25.24 17.20 -31.62
CA THR B 487 25.43 18.64 -31.70
C THR B 487 24.17 19.30 -32.25
N ILE B 488 23.91 20.52 -31.78
CA ILE B 488 22.84 21.36 -32.31
C ILE B 488 23.49 22.65 -32.80
N ASP B 489 23.47 22.85 -34.11
CA ASP B 489 23.93 24.09 -34.73
C ASP B 489 22.71 25.01 -34.89
N TYR B 490 22.77 26.20 -34.30
CA TYR B 490 21.61 27.08 -34.29
C TYR B 490 22.05 28.54 -34.42
N ILE B 491 21.07 29.38 -34.72
CA ILE B 491 21.29 30.82 -34.92
C ILE B 491 20.91 31.53 -33.62
N ASN B 492 21.89 32.21 -33.00
CA ASN B 492 21.63 32.87 -31.72
C ASN B 492 20.99 34.24 -31.94
N GLU B 493 20.81 34.98 -30.84
CA GLU B 493 20.13 36.27 -30.91
C GLU B 493 20.91 37.31 -31.70
N ASN B 494 22.22 37.17 -31.81
CA ASN B 494 23.02 38.08 -32.62
C ASN B 494 23.09 37.67 -34.08
N GLY B 495 22.34 36.63 -34.48
CA GLY B 495 22.40 36.15 -35.84
C GLY B 495 23.58 35.26 -36.14
N GLU B 496 24.36 34.89 -35.13
CA GLU B 496 25.55 34.08 -35.32
C GLU B 496 25.19 32.60 -35.25
N GLU B 497 25.91 31.81 -36.05
CA GLU B 497 25.78 30.36 -36.02
C GLU B 497 26.70 29.81 -34.94
N VAL B 498 26.15 29.08 -33.98
CA VAL B 498 26.95 28.52 -32.91
C VAL B 498 26.62 27.04 -32.78
N LYS B 499 27.61 26.25 -32.37
CA LYS B 499 27.45 24.82 -32.19
C LYS B 499 27.30 24.53 -30.70
N TYR B 500 26.22 23.86 -30.34
CA TYR B 500 25.90 23.44 -28.98
C TYR B 500 26.17 21.94 -28.89
N LEU B 501 27.19 21.55 -28.13
CA LEU B 501 27.52 20.16 -27.88
C LEU B 501 26.62 19.65 -26.75
N VAL B 502 25.71 18.74 -27.07
CA VAL B 502 24.70 18.30 -26.13
C VAL B 502 25.25 17.32 -25.10
C1 BTB C . -4.92 3.05 16.10
O1 BTB C . -4.11 3.40 15.01
C2 BTB C . -4.53 1.67 16.62
C3 BTB C . -5.02 0.60 15.65
O3 BTB C . -6.43 0.72 15.51
C4 BTB C . -5.23 1.43 17.96
O4 BTB C . -4.74 0.23 18.49
N BTB C . -3.06 1.55 16.83
C5 BTB C . -2.52 2.70 17.57
C6 BTB C . -1.29 2.24 18.37
O6 BTB C . -1.71 1.28 19.32
C7 BTB C . -2.26 1.33 15.62
C8 BTB C . -1.87 -0.15 15.50
O8 BTB C . -1.72 -0.71 16.78
H11 BTB C . -5.86 3.04 15.82
H12 BTB C . -4.82 3.71 16.80
HO1 BTB C . -4.49 4.01 14.55
H31 BTB C . -4.61 0.73 14.78
H32 BTB C . -4.81 -0.28 15.98
HO3 BTB C . -6.61 1.28 14.89
H41 BTB C . -6.20 1.37 17.82
H42 BTB C . -5.04 2.16 18.57
HO4 BTB C . -4.30 0.38 19.19
H51 BTB C . -2.26 3.39 16.96
H52 BTB C . -3.19 3.03 18.18
H61 BTB C . -0.65 1.84 17.78
H62 BTB C . -0.89 3.00 18.83
HO6 BTB C . -1.44 1.52 20.10
H71 BTB C . -2.78 1.59 14.85
H72 BTB C . -1.46 1.88 15.67
H81 BTB C . -2.57 -0.63 15.02
H82 BTB C . -1.04 -0.23 15.01
HO8 BTB C . -0.95 -1.06 16.85
S SO4 D . -2.58 3.54 22.09
O1 SO4 D . -3.40 3.66 23.31
O2 SO4 D . -2.32 4.87 21.52
O3 SO4 D . -1.32 2.90 22.44
O4 SO4 D . -3.30 2.77 21.10
S SO4 E . -0.36 -7.98 19.26
O1 SO4 E . -0.04 -7.45 20.59
O2 SO4 E . -1.56 -7.32 18.77
O3 SO4 E . -0.57 -9.42 19.34
O4 SO4 E . 0.75 -7.73 18.35
S SO4 F . 19.13 12.05 35.51
O1 SO4 F . 18.46 12.40 36.75
O2 SO4 F . 20.46 11.53 35.79
O3 SO4 F . 19.22 13.24 34.67
O4 SO4 F . 18.34 11.03 34.82
S SO4 G . 26.94 -13.35 43.55
O1 SO4 G . 26.16 -12.21 44.03
O2 SO4 G . 28.28 -13.34 44.14
O3 SO4 G . 26.24 -14.59 43.92
O4 SO4 G . 27.07 -13.29 42.10
S SO4 H . 10.13 -4.01 4.17
O1 SO4 H . 9.29 -2.82 4.02
O2 SO4 H . 11.42 -3.64 4.72
O3 SO4 H . 10.31 -4.64 2.87
O4 SO4 H . 9.47 -4.96 5.07
S SO4 I . 0.65 2.54 13.37
O1 SO4 I . -0.35 3.58 13.62
O2 SO4 I . 0.80 1.73 14.55
O3 SO4 I . 1.92 3.18 13.03
O4 SO4 I . 0.23 1.70 12.24
O1 P6G J . -5.08 4.13 0.68
C2 P6G J . -6.21 4.91 0.96
C3 P6G J . -7.43 4.33 0.24
O4 P6G J . -7.68 3.02 0.67
C5 P6G J . -7.93 2.13 -0.37
C6 P6G J . -8.58 0.85 0.14
O7 P6G J . -7.76 -0.24 -0.16
C8 P6G J . -8.37 -1.47 -0.01
C9 P6G J . -7.42 -2.57 -0.49
O10 P6G J . -6.11 -2.22 -0.16
C11 P6G J . -5.14 -3.15 -0.56
C12 P6G J . -3.75 -2.50 -0.54
O13 P6G J . -3.09 -2.82 0.65
H1 P6G J . -4.40 4.45 1.07
H21 P6G J . -6.37 4.91 1.92
H22 P6G J . -6.06 5.81 0.65
H31 P6G J . -8.19 4.88 0.43
H32 P6G J . -7.26 4.31 -0.71
H51 P6G J . -7.09 1.91 -0.79
H52 P6G J . -8.52 2.56 -1.01
H61 P6G J . -9.45 0.74 -0.29
H62 P6G J . -8.71 0.91 1.11
H81 P6G J . -9.19 -1.51 -0.53
H82 P6G J . -8.58 -1.63 0.93
H91 P6G J . -7.65 -3.41 -0.09
H92 P6G J . -7.49 -2.65 -1.47
H111 P6G J . -5.33 -3.46 -1.45
H112 P6G J . -5.14 -3.90 0.06
H121 P6G J . -3.24 -2.83 -1.29
H122 P6G J . -3.85 -1.54 -0.60
C1 BTB K . -4.29 1.02 -15.35
O1 BTB K . -5.70 1.05 -15.31
C2 BTB K . -3.90 -0.08 -16.35
C3 BTB K . -4.53 0.28 -17.69
O3 BTB K . -3.75 1.30 -18.29
C4 BTB K . -4.52 -1.39 -15.84
O4 BTB K . -3.81 -1.91 -14.76
N BTB K . -2.43 -0.17 -16.52
C5 BTB K . -1.67 -0.20 -15.26
C6 BTB K . -1.00 1.17 -15.10
O6 BTB K . -0.88 1.70 -16.40
C7 BTB K . -2.08 -1.22 -17.48
C8 BTB K . -0.56 -1.32 -17.71
O8 BTB K . -0.07 -2.33 -16.85
H11 BTB K . -3.93 0.82 -14.49
H12 BTB K . -3.95 1.88 -15.66
HO1 BTB K . -5.97 1.86 -15.39
H31 BTB K . -4.55 -0.49 -18.27
H32 BTB K . -5.43 0.60 -17.56
HO3 BTB K . -4.22 1.72 -18.85
H41 BTB K . -4.52 -2.05 -16.56
H42 BTB K . -5.43 -1.22 -15.57
HO4 BTB K . -3.56 -2.70 -14.93
H51 BTB K . -2.27 -0.36 -14.52
H52 BTB K . -1.00 -0.90 -15.30
H61 BTB K . -1.53 1.75 -14.55
H62 BTB K . -0.11 1.06 -14.71
HO6 BTB K . -1.28 2.45 -16.42
H71 BTB K . -2.40 -2.07 -17.14
H72 BTB K . -2.51 -1.02 -18.32
H81 BTB K . -0.38 -1.57 -18.63
H82 BTB K . -0.13 -0.48 -17.51
HO8 BTB K . -0.08 -3.08 -17.25
S SO4 L . -2.33 -2.84 -21.25
O1 SO4 L . -2.82 -1.66 -20.56
O2 SO4 L . -1.98 -3.87 -20.25
O3 SO4 L . -1.18 -2.53 -22.08
O4 SO4 L . -3.38 -3.38 -22.10
S SO4 M . -39.04 -8.73 -8.21
O1 SO4 M . -37.86 -9.21 -7.49
O2 SO4 M . -39.28 -7.34 -7.86
O3 SO4 M . -38.80 -8.86 -9.64
O4 SO4 M . -40.21 -9.53 -7.83
S SO4 N . 1.85 -8.73 -17.48
O1 SO4 N . 2.96 -7.96 -16.92
O2 SO4 N . 1.15 -9.41 -16.39
O3 SO4 N . 0.94 -7.83 -18.17
O4 SO4 N . 2.39 -9.72 -18.42
S SO4 O . 4.08 -11.57 -38.27
O1 SO4 O . 2.93 -11.25 -37.44
O2 SO4 O . 5.19 -10.69 -37.93
O3 SO4 O . 4.48 -12.96 -38.05
O4 SO4 O . 3.73 -11.38 -39.68
S SO4 P . 1.91 8.31 -19.15
O1 SO4 P . 2.95 7.83 -18.25
O2 SO4 P . 2.01 9.76 -19.27
O3 SO4 P . 0.60 7.95 -18.61
O4 SO4 P . 2.06 7.69 -20.47
S SO4 Q . -18.62 10.03 -5.95
O1 SO4 Q . -18.96 9.27 -4.75
O2 SO4 Q . -17.99 11.29 -5.56
O3 SO4 Q . -17.70 9.25 -6.77
O4 SO4 Q . -19.83 10.31 -6.71
S SO4 R . 11.22 2.06 -3.86
O1 SO4 R . 11.04 3.14 -4.81
O2 SO4 R . 11.34 2.62 -2.51
O3 SO4 R . 12.43 1.31 -4.16
O4 SO4 R . 10.06 1.16 -3.92
S SO4 S . 0.74 -2.38 -12.93
O1 SO4 S . 0.54 -1.90 -11.57
O2 SO4 S . 1.03 -1.25 -13.80
O3 SO4 S . -0.49 -3.05 -13.39
O4 SO4 S . 1.84 -3.33 -12.94
C1 GOL T . 17.42 6.76 -45.64
O1 GOL T . 17.66 6.01 -44.49
C2 GOL T . 18.76 7.39 -46.05
O2 GOL T . 18.67 8.05 -47.27
C3 GOL T . 19.12 8.36 -44.89
O3 GOL T . 20.43 8.03 -44.49
H11 GOL T . 16.76 7.46 -45.50
H12 GOL T . 17.08 6.22 -46.37
HO1 GOL T . 16.90 5.78 -44.18
H2 GOL T . 19.45 6.72 -46.17
HO2 GOL T . 19.40 8.45 -47.42
H31 GOL T . 18.46 8.26 -44.19
H32 GOL T . 19.03 9.27 -45.20
HO3 GOL T . 20.96 8.39 -45.04
#